data_1IQ8
#
_entry.id   1IQ8
#
_cell.length_a   99.282
_cell.length_b   99.282
_cell.length_c   363.740
_cell.angle_alpha   90.00
_cell.angle_beta   90.00
_cell.angle_gamma   90.00
#
_symmetry.space_group_name_H-M   'P 43 21 2'
#
loop_
_entity.id
_entity.type
_entity.pdbx_description
1 polymer 'ARCHAEOSINE TRNA-GUANINE TRANSGLYCOSYLASE'
2 non-polymer 'ZINC ION'
3 non-polymer 'MAGNESIUM ION'
4 water water
#
_entity_poly.entity_id   1
_entity_poly.type   'polypeptide(L)'
_entity_poly.pdbx_seq_one_letter_code
;MSRGDKMLKFEIKARDGAGRIGKLEVNGKKIETPAIMPVVNPKQMVVEPKELEKMGFEIIITNSYIIYKDEELRRKALEL
GIHRMLDYNGIIEVDSGSFQLMKYGSIEVSNREIIEFQHRIGVDIGTFLDIPTPPDAPREQAVKELEITLSRAREAEEIK
EIPMNATIQGSTYTDLRRYAARRLSSMNFEIHPIGGVVPLLESYRFRDVVDIVISSKMALRPDRPVHLFGAGHPIVFALA
VAMGVDLFDSASYALYAKDDRYMTPEGTKRLDELDYFPCSCPVCSKYTPQELREMPKEERTRLLALHNLWVIKEEIKRVK
QAIKEGELWRLVDERARSHPKLYSAYKRLLEHYTFLEEFEPITKKSALFKISNESLRWPVVRRAKERAKSINERFGELVE
HPIFGRVSRYLSLTYPFAQSEAEDDFKIEKPTKEDAIKYVMAIAEYQFGEGASRAFDDAKVELSKTGMPRQVKVNGKRLA
TVRADDGLLTLGIEGAKRLHRVLPYPRMRVVVNKEAEPFARKGKDVFAKFVIFADPGIRPYDEVLVVNENDELLATGQAL
LSGREMIVFQYGRAVKVRKGVE
;
_entity_poly.pdbx_strand_id   A,B
#
loop_
_chem_comp.id
_chem_comp.type
_chem_comp.name
_chem_comp.formula
MG non-polymer 'MAGNESIUM ION' 'Mg 2'
ZN non-polymer 'ZINC ION' 'Zn 2'
#
# COMPACT_ATOMS: atom_id res chain seq x y z
N LYS A 6 -7.18 6.50 41.05
CA LYS A 6 -7.18 5.80 39.74
C LYS A 6 -8.32 6.21 38.81
N MET A 7 -8.23 7.44 38.30
CA MET A 7 -9.24 7.99 37.41
C MET A 7 -9.03 7.48 35.98
N LEU A 8 -7.83 7.00 35.68
CA LEU A 8 -7.51 6.49 34.34
C LEU A 8 -7.15 5.01 34.38
N LYS A 9 -7.84 4.21 33.59
CA LYS A 9 -7.56 2.78 33.50
C LYS A 9 -7.14 2.51 32.07
N PHE A 10 -6.21 1.57 31.89
CA PHE A 10 -5.74 1.22 30.55
C PHE A 10 -5.35 -0.25 30.55
N GLU A 11 -5.90 -1.00 29.59
CA GLU A 11 -5.61 -2.42 29.49
C GLU A 11 -5.49 -2.84 28.03
N ILE A 12 -4.69 -3.87 27.79
CA ILE A 12 -4.50 -4.34 26.43
C ILE A 12 -5.58 -5.35 26.04
N LYS A 13 -6.13 -5.17 24.85
CA LYS A 13 -7.17 -6.07 24.35
C LYS A 13 -6.64 -6.96 23.22
N ALA A 14 -5.66 -6.46 22.46
CA ALA A 14 -5.07 -7.20 21.36
C ALA A 14 -3.72 -6.56 21.05
N ARG A 15 -2.87 -7.27 20.32
CA ARG A 15 -1.55 -6.71 20.02
C ARG A 15 -0.80 -7.40 18.88
N ASP A 16 0.17 -6.67 18.33
CA ASP A 16 1.04 -7.14 17.26
C ASP A 16 2.22 -6.17 17.31
N GLY A 17 3.43 -6.68 17.11
CA GLY A 17 4.59 -5.82 17.18
C GLY A 17 4.64 -5.26 18.59
N ALA A 18 5.00 -3.99 18.73
CA ALA A 18 5.04 -3.38 20.06
C ALA A 18 3.77 -2.53 20.21
N GLY A 19 2.88 -2.62 19.23
CA GLY A 19 1.65 -1.86 19.27
C GLY A 19 0.56 -2.63 19.99
N ARG A 20 -0.58 -1.99 20.19
CA ARG A 20 -1.68 -2.66 20.88
C ARG A 20 -3.01 -1.96 20.70
N ILE A 21 -4.08 -2.74 20.85
CA ILE A 21 -5.41 -2.20 20.80
C ILE A 21 -5.74 -2.17 22.28
N GLY A 22 -6.06 -1.00 22.81
CA GLY A 22 -6.34 -0.93 24.22
C GLY A 22 -7.67 -0.33 24.59
N LYS A 23 -8.06 -0.55 25.83
CA LYS A 23 -9.30 0.00 26.37
C LYS A 23 -8.88 1.07 27.36
N LEU A 24 -9.21 2.32 27.06
CA LEU A 24 -8.86 3.42 27.92
C LEU A 24 -10.13 3.99 28.56
N GLU A 25 -10.10 4.16 29.88
CA GLU A 25 -11.23 4.71 30.59
C GLU A 25 -10.79 5.89 31.43
N VAL A 26 -11.43 7.03 31.21
CA VAL A 26 -11.12 8.25 31.93
C VAL A 26 -12.38 8.71 32.65
N ASN A 27 -12.41 8.53 33.96
CA ASN A 27 -13.57 8.94 34.74
C ASN A 27 -14.90 8.58 34.07
N GLY A 28 -15.10 7.29 33.82
CA GLY A 28 -16.35 6.83 33.22
C GLY A 28 -16.45 6.85 31.71
N LYS A 29 -15.60 7.60 31.03
CA LYS A 29 -15.64 7.66 29.57
C LYS A 29 -14.65 6.67 28.97
N LYS A 30 -15.18 5.74 28.18
CA LYS A 30 -14.36 4.69 27.57
C LYS A 30 -14.17 4.81 26.08
N ILE A 31 -12.92 4.61 25.66
CA ILE A 31 -12.58 4.66 24.25
C ILE A 31 -11.61 3.53 23.97
N GLU A 32 -11.52 3.15 22.69
CA GLU A 32 -10.60 2.10 22.28
C GLU A 32 -9.43 2.72 21.54
N THR A 33 -8.22 2.34 21.91
CA THR A 33 -7.03 2.87 21.24
C THR A 33 -6.46 1.75 20.37
N PRO A 34 -5.64 2.09 19.36
CA PRO A 34 -5.17 3.42 18.94
C PRO A 34 -6.30 4.35 18.55
N ALA A 35 -6.19 5.60 18.97
CA ALA A 35 -7.21 6.58 18.63
C ALA A 35 -6.54 7.88 18.25
N ILE A 36 -7.26 8.72 17.53
CA ILE A 36 -6.74 10.01 17.13
C ILE A 36 -7.72 11.08 17.59
N MET A 37 -7.20 12.17 18.14
CA MET A 37 -8.05 13.25 18.60
C MET A 37 -7.94 14.46 17.70
N PRO A 38 -9.06 14.83 17.05
CA PRO A 38 -9.08 15.99 16.16
C PRO A 38 -8.82 17.24 17.00
N VAL A 39 -7.99 18.14 16.51
CA VAL A 39 -7.72 19.38 17.23
C VAL A 39 -8.83 20.33 16.85
N VAL A 40 -9.40 21.05 17.80
CA VAL A 40 -10.44 22.00 17.46
C VAL A 40 -10.06 23.42 17.86
N ASN A 41 -10.21 24.34 16.91
CA ASN A 41 -9.92 25.75 17.15
C ASN A 41 -11.19 26.39 17.67
N PRO A 42 -11.22 26.78 18.95
CA PRO A 42 -12.43 27.41 19.51
C PRO A 42 -12.83 28.67 18.74
N LYS A 43 -11.84 29.40 18.23
CA LYS A 43 -12.09 30.63 17.49
C LYS A 43 -12.71 30.43 16.10
N GLN A 44 -12.32 29.35 15.43
CA GLN A 44 -12.84 29.07 14.10
C GLN A 44 -12.88 27.56 13.86
N MET A 45 -14.04 26.95 14.08
CA MET A 45 -14.19 25.51 13.92
C MET A 45 -14.62 25.09 12.51
N VAL A 46 -13.69 24.49 11.77
CA VAL A 46 -14.00 24.02 10.42
C VAL A 46 -15.08 22.96 10.50
N VAL A 47 -14.93 22.03 11.43
CA VAL A 47 -15.94 20.98 11.63
C VAL A 47 -16.39 21.05 13.09
N GLU A 48 -17.70 21.15 13.30
CA GLU A 48 -18.27 21.24 14.64
C GLU A 48 -17.96 20.03 15.51
N PRO A 49 -17.63 20.27 16.80
CA PRO A 49 -17.32 19.14 17.69
C PRO A 49 -18.49 18.16 17.66
N LYS A 50 -19.70 18.68 17.54
CA LYS A 50 -20.89 17.83 17.50
C LYS A 50 -20.81 16.89 16.31
N GLU A 51 -20.34 17.40 15.16
CA GLU A 51 -20.23 16.56 13.98
C GLU A 51 -19.07 15.58 14.13
N LEU A 52 -17.99 16.01 14.79
CA LEU A 52 -16.85 15.14 15.01
C LEU A 52 -17.34 13.95 15.84
N GLU A 53 -18.13 14.25 16.86
CA GLU A 53 -18.65 13.20 17.72
C GLU A 53 -19.54 12.27 16.91
N LYS A 54 -20.34 12.85 16.02
CA LYS A 54 -21.23 12.06 15.17
C LYS A 54 -20.42 11.15 14.26
N MET A 55 -19.25 11.61 13.84
CA MET A 55 -18.40 10.82 12.96
C MET A 55 -17.67 9.70 13.70
N GLY A 56 -17.78 9.69 15.03
CA GLY A 56 -17.11 8.64 15.78
C GLY A 56 -15.89 9.08 16.55
N PHE A 57 -15.54 10.36 16.53
CA PHE A 57 -14.38 10.81 17.29
C PHE A 57 -14.82 11.10 18.71
N GLU A 58 -14.53 10.14 19.60
CA GLU A 58 -14.92 10.23 20.99
C GLU A 58 -13.91 10.93 21.89
N ILE A 59 -12.90 11.51 21.28
CA ILE A 59 -11.90 12.27 22.02
C ILE A 59 -11.38 13.36 21.10
N ILE A 60 -11.35 14.59 21.61
CA ILE A 60 -10.84 15.72 20.85
C ILE A 60 -9.87 16.48 21.74
N ILE A 61 -9.23 17.50 21.17
CA ILE A 61 -8.29 18.31 21.93
C ILE A 61 -8.37 19.78 21.49
N THR A 62 -8.20 20.68 22.46
CA THR A 62 -8.23 22.11 22.17
C THR A 62 -7.15 22.79 22.99
N ASN A 63 -6.87 24.05 22.67
CA ASN A 63 -5.83 24.80 23.37
C ASN A 63 -6.44 25.63 24.51
N SER A 64 -6.17 25.23 25.74
CA SER A 64 -6.68 25.91 26.91
C SER A 64 -6.14 27.32 27.03
N TYR A 65 -4.96 27.56 26.46
CA TYR A 65 -4.34 28.87 26.52
C TYR A 65 -5.09 29.85 25.61
N ILE A 66 -5.46 29.41 24.43
CA ILE A 66 -6.18 30.27 23.49
C ILE A 66 -7.51 30.69 24.12
N ILE A 67 -8.17 29.74 24.77
CA ILE A 67 -9.46 30.01 25.42
C ILE A 67 -9.28 30.98 26.58
N TYR A 68 -8.25 30.72 27.40
CA TYR A 68 -7.93 31.53 28.55
C TYR A 68 -7.62 32.97 28.18
N LYS A 69 -6.80 33.16 27.15
CA LYS A 69 -6.42 34.50 26.71
C LYS A 69 -7.51 35.25 25.96
N ASP A 70 -8.59 34.57 25.61
CA ASP A 70 -9.68 35.22 24.90
C ASP A 70 -10.86 35.46 25.82
N GLU A 71 -11.26 36.71 25.94
CA GLU A 71 -12.38 37.09 26.82
C GLU A 71 -13.67 36.31 26.60
N GLU A 72 -14.20 36.38 25.38
CA GLU A 72 -15.43 35.67 25.06
C GLU A 72 -15.31 34.19 25.33
N LEU A 73 -14.24 33.57 24.83
CA LEU A 73 -14.03 32.15 25.04
C LEU A 73 -13.89 31.84 26.53
N ARG A 74 -12.96 32.53 27.19
CA ARG A 74 -12.70 32.33 28.61
C ARG A 74 -13.98 32.41 29.42
N ARG A 75 -14.78 33.44 29.17
CA ARG A 75 -16.02 33.66 29.87
C ARG A 75 -17.03 32.53 29.62
N LYS A 76 -17.22 32.15 28.36
CA LYS A 76 -18.16 31.08 28.05
C LYS A 76 -17.71 29.76 28.68
N ALA A 77 -16.40 29.53 28.65
CA ALA A 77 -15.83 28.29 29.21
C ALA A 77 -16.13 28.18 30.71
N LEU A 78 -15.96 29.29 31.41
CA LEU A 78 -16.21 29.33 32.83
C LEU A 78 -17.69 29.23 33.14
N GLU A 79 -18.50 29.80 32.26
CA GLU A 79 -19.94 29.81 32.44
C GLU A 79 -20.61 28.47 32.20
N LEU A 80 -20.17 27.75 31.18
CA LEU A 80 -20.80 26.47 30.85
C LEU A 80 -19.93 25.22 30.98
N GLY A 81 -18.62 25.40 31.05
CA GLY A 81 -17.72 24.25 31.11
C GLY A 81 -17.38 23.98 29.65
N ILE A 82 -16.20 23.45 29.36
CA ILE A 82 -15.83 23.21 27.95
C ILE A 82 -16.76 22.28 27.20
N HIS A 83 -17.34 21.31 27.88
CA HIS A 83 -18.24 20.38 27.22
C HIS A 83 -19.46 21.08 26.61
N ARG A 84 -20.22 21.80 27.42
CA ARG A 84 -21.40 22.50 26.94
C ARG A 84 -21.02 23.63 25.98
N MET A 85 -19.87 24.26 26.20
CA MET A 85 -19.40 25.33 25.33
C MET A 85 -19.15 24.82 23.92
N LEU A 86 -18.51 23.65 23.83
CA LEU A 86 -18.19 23.06 22.54
C LEU A 86 -19.30 22.13 22.10
N ASP A 87 -20.25 21.89 22.99
CA ASP A 87 -21.38 20.99 22.73
C ASP A 87 -20.84 19.62 22.29
N TYR A 88 -19.99 19.06 23.15
CA TYR A 88 -19.35 17.78 22.88
C TYR A 88 -19.38 16.96 24.16
N ASN A 89 -19.72 15.68 24.08
CA ASN A 89 -19.80 14.84 25.26
C ASN A 89 -18.72 13.76 25.40
N GLY A 90 -17.77 13.72 24.49
CA GLY A 90 -16.73 12.71 24.61
C GLY A 90 -15.62 13.18 25.53
N ILE A 91 -14.45 12.60 25.37
CA ILE A 91 -13.32 13.00 26.21
C ILE A 91 -12.72 14.26 25.60
N ILE A 92 -12.53 15.28 26.42
CA ILE A 92 -11.93 16.52 25.93
C ILE A 92 -10.57 16.71 26.58
N GLU A 93 -9.53 16.61 25.78
CA GLU A 93 -8.19 16.79 26.27
C GLU A 93 -7.82 18.23 25.96
N VAL A 94 -6.82 18.76 26.64
CA VAL A 94 -6.44 20.14 26.41
C VAL A 94 -4.94 20.34 26.28
N ASP A 95 -4.57 21.22 25.36
CA ASP A 95 -3.17 21.56 25.12
C ASP A 95 -2.94 22.84 25.93
N SER A 96 -1.73 23.01 26.45
CA SER A 96 -1.42 24.19 27.25
C SER A 96 -0.77 25.28 26.41
N GLY A 97 -1.18 25.39 25.16
CA GLY A 97 -0.62 26.40 24.28
C GLY A 97 0.89 26.24 24.15
N SER A 98 1.38 25.06 24.55
CA SER A 98 2.82 24.76 24.50
C SER A 98 3.36 25.00 23.09
N PHE A 99 2.48 25.01 22.10
CA PHE A 99 2.90 25.25 20.74
C PHE A 99 3.29 26.72 20.59
N GLN A 100 2.66 27.59 21.39
CA GLN A 100 2.97 29.01 21.36
C GLN A 100 4.25 29.22 22.17
N LEU A 101 4.62 28.20 22.95
CA LEU A 101 5.82 28.26 23.76
C LEU A 101 7.04 27.87 22.95
N MET A 102 6.80 27.27 21.79
CA MET A 102 7.87 26.87 20.87
C MET A 102 7.88 27.89 19.73
N LYS A 103 6.68 28.26 19.27
CA LYS A 103 6.52 29.22 18.19
C LYS A 103 6.88 30.64 18.59
N TYR A 104 6.56 30.99 19.84
CA TYR A 104 6.83 32.33 20.35
C TYR A 104 7.84 32.34 21.50
N GLY A 105 8.36 31.17 21.83
CA GLY A 105 9.33 31.05 22.90
C GLY A 105 8.81 31.33 24.30
N SER A 106 7.69 32.03 24.39
CA SER A 106 7.11 32.36 25.69
C SER A 106 5.59 32.21 25.72
N ILE A 107 5.03 32.29 26.92
CA ILE A 107 3.60 32.18 27.16
C ILE A 107 3.26 33.03 28.39
N GLU A 108 2.17 33.77 28.32
CA GLU A 108 1.76 34.66 29.41
C GLU A 108 0.79 34.07 30.43
N VAL A 109 1.25 33.08 31.19
CA VAL A 109 0.44 32.43 32.21
C VAL A 109 1.32 31.45 32.99
N SER A 110 1.12 31.37 34.30
CA SER A 110 1.93 30.47 35.12
C SER A 110 1.43 29.04 35.07
N ASN A 111 2.32 28.10 35.41
CA ASN A 111 2.01 26.68 35.42
C ASN A 111 0.77 26.43 36.27
N ARG A 112 0.83 26.85 37.53
CA ARG A 112 -0.30 26.66 38.42
C ARG A 112 -1.60 27.27 37.90
N GLU A 113 -1.51 28.44 37.26
CA GLU A 113 -2.71 29.08 36.73
C GLU A 113 -3.43 28.30 35.64
N ILE A 114 -2.72 27.85 34.61
CA ILE A 114 -3.37 27.11 33.54
C ILE A 114 -3.97 25.80 34.04
N ILE A 115 -3.29 25.18 34.99
CA ILE A 115 -3.77 23.92 35.57
C ILE A 115 -5.08 24.17 36.30
N GLU A 116 -5.11 25.25 37.08
CA GLU A 116 -6.31 25.60 37.82
C GLU A 116 -7.45 25.94 36.86
N PHE A 117 -7.13 26.64 35.78
CA PHE A 117 -8.12 27.02 34.80
C PHE A 117 -8.71 25.77 34.14
N GLN A 118 -7.86 24.77 33.89
CA GLN A 118 -8.30 23.51 33.28
C GLN A 118 -9.32 22.81 34.16
N HIS A 119 -9.11 22.88 35.47
CA HIS A 119 -10.03 22.25 36.40
C HIS A 119 -11.36 23.01 36.44
N ARG A 120 -11.28 24.33 36.44
CA ARG A 120 -12.48 25.16 36.46
C ARG A 120 -13.40 24.96 35.26
N ILE A 121 -12.85 24.69 34.08
CA ILE A 121 -13.71 24.50 32.91
C ILE A 121 -14.15 23.05 32.71
N GLY A 122 -13.69 22.17 33.59
CA GLY A 122 -14.08 20.76 33.52
C GLY A 122 -13.43 19.92 32.43
N VAL A 123 -12.14 20.08 32.22
CA VAL A 123 -11.42 19.29 31.22
C VAL A 123 -11.34 17.83 31.66
N ASP A 124 -11.29 16.90 30.71
CA ASP A 124 -11.21 15.47 31.05
C ASP A 124 -9.77 15.08 31.29
N ILE A 125 -8.87 15.59 30.45
CA ILE A 125 -7.45 15.31 30.58
C ILE A 125 -6.67 16.61 30.41
N GLY A 126 -5.91 16.99 31.43
CA GLY A 126 -5.16 18.21 31.34
C GLY A 126 -3.67 18.04 31.08
N THR A 127 -2.94 19.16 31.13
CA THR A 127 -1.51 19.14 30.92
C THR A 127 -0.89 20.27 31.73
N PHE A 128 0.43 20.36 31.73
CA PHE A 128 1.11 21.43 32.45
C PHE A 128 2.10 22.02 31.45
N LEU A 129 2.72 23.15 31.80
CA LEU A 129 3.62 23.84 30.89
C LEU A 129 4.96 23.19 30.49
N ASP A 130 4.89 22.01 29.88
CA ASP A 130 6.11 21.35 29.44
C ASP A 130 6.64 22.14 28.24
N ILE A 131 7.96 22.30 28.17
CA ILE A 131 8.60 23.06 27.10
C ILE A 131 9.03 22.15 25.93
N PRO A 132 8.48 22.39 24.73
CA PRO A 132 8.81 21.59 23.56
C PRO A 132 10.14 21.97 22.92
N THR A 133 11.25 21.53 23.50
CA THR A 133 12.55 21.85 22.95
C THR A 133 12.64 21.41 21.49
N PRO A 134 12.88 22.35 20.57
CA PRO A 134 12.99 22.02 19.16
C PRO A 134 14.14 21.04 18.87
N PRO A 135 14.05 20.33 17.73
CA PRO A 135 15.07 19.35 17.31
C PRO A 135 16.44 20.01 17.13
N ASP A 136 17.50 19.23 17.34
CA ASP A 136 18.86 19.74 17.17
C ASP A 136 19.15 21.01 17.95
N ALA A 137 18.60 21.13 19.15
CA ALA A 137 18.84 22.30 19.96
C ALA A 137 20.16 22.14 20.68
N PRO A 138 20.77 23.26 21.10
CA PRO A 138 22.05 23.17 21.82
C PRO A 138 21.76 22.30 23.05
N ARG A 139 22.58 21.27 23.26
CA ARG A 139 22.36 20.37 24.39
C ARG A 139 22.09 21.08 25.70
N GLU A 140 22.81 22.17 25.94
CA GLU A 140 22.65 22.96 27.16
C GLU A 140 21.21 23.41 27.30
N GLN A 141 20.61 23.81 26.19
CA GLN A 141 19.22 24.26 26.16
C GLN A 141 18.29 23.10 26.49
N ALA A 142 18.44 22.00 25.75
CA ALA A 142 17.62 20.81 25.95
C ALA A 142 17.62 20.36 27.42
N VAL A 143 18.76 20.50 28.08
CA VAL A 143 18.89 20.12 29.49
C VAL A 143 18.16 21.11 30.39
N LYS A 144 18.44 22.39 30.21
CA LYS A 144 17.82 23.45 31.00
C LYS A 144 16.30 23.43 30.90
N GLU A 145 15.80 23.38 29.67
CA GLU A 145 14.35 23.34 29.44
C GLU A 145 13.74 22.11 30.07
N LEU A 146 14.42 20.96 29.94
CA LEU A 146 13.92 19.73 30.53
C LEU A 146 13.81 19.80 32.05
N GLU A 147 14.77 20.44 32.70
CA GLU A 147 14.72 20.54 34.17
C GLU A 147 13.54 21.41 34.56
N ILE A 148 13.31 22.46 33.79
CA ILE A 148 12.17 23.32 34.04
C ILE A 148 10.90 22.48 33.83
N THR A 149 10.88 21.64 32.80
CA THR A 149 9.72 20.80 32.54
C THR A 149 9.48 19.84 33.71
N LEU A 150 10.56 19.21 34.19
CA LEU A 150 10.46 18.26 35.29
C LEU A 150 10.03 18.94 36.57
N SER A 151 10.46 20.18 36.75
CA SER A 151 10.11 20.95 37.93
C SER A 151 8.63 21.33 37.90
N ARG A 152 8.13 21.69 36.73
CA ARG A 152 6.72 22.05 36.56
C ARG A 152 5.87 20.79 36.71
N ALA A 153 6.47 19.67 36.36
CA ALA A 153 5.80 18.37 36.47
C ALA A 153 5.57 18.01 37.94
N ARG A 154 6.53 18.33 38.80
CA ARG A 154 6.37 18.02 40.22
C ARG A 154 5.25 18.86 40.83
N GLU A 155 5.18 20.12 40.42
CA GLU A 155 4.13 21.01 40.91
C GLU A 155 2.76 20.49 40.47
N ALA A 156 2.65 20.13 39.19
CA ALA A 156 1.40 19.61 38.66
C ALA A 156 0.96 18.36 39.42
N GLU A 157 1.92 17.47 39.68
CA GLU A 157 1.63 16.24 40.39
C GLU A 157 0.95 16.53 41.74
N GLU A 158 1.49 17.49 42.47
CA GLU A 158 0.94 17.83 43.79
C GLU A 158 -0.40 18.55 43.73
N ILE A 159 -0.63 19.29 42.65
CA ILE A 159 -1.86 20.07 42.53
C ILE A 159 -3.02 19.46 41.72
N LYS A 160 -2.71 18.56 40.79
CA LYS A 160 -3.76 17.99 39.94
C LYS A 160 -4.86 17.20 40.63
N GLU A 161 -6.06 17.35 40.08
CA GLU A 161 -7.25 16.68 40.58
C GLU A 161 -7.95 15.97 39.43
N ILE A 162 -7.25 15.87 38.30
CA ILE A 162 -7.77 15.23 37.10
C ILE A 162 -6.64 14.45 36.42
N PRO A 163 -6.99 13.52 35.51
CA PRO A 163 -5.94 12.75 34.82
C PRO A 163 -5.09 13.75 34.04
N MET A 164 -3.80 13.48 33.89
CA MET A 164 -2.93 14.41 33.18
C MET A 164 -1.83 13.80 32.33
N ASN A 165 -1.49 14.50 31.25
CA ASN A 165 -0.42 14.12 30.35
C ASN A 165 0.90 14.61 30.97
N ALA A 166 1.95 13.83 30.82
CA ALA A 166 3.28 14.20 31.29
C ALA A 166 4.20 13.97 30.09
N THR A 167 4.38 15.01 29.28
CA THR A 167 5.16 14.92 28.06
C THR A 167 6.66 14.70 28.21
N ILE A 168 7.21 13.81 27.38
CA ILE A 168 8.63 13.49 27.34
C ILE A 168 9.24 14.53 26.42
N GLN A 169 10.30 15.19 26.85
CA GLN A 169 10.82 16.29 26.05
C GLN A 169 12.32 16.44 25.91
N GLY A 170 13.05 15.38 25.60
CA GLY A 170 14.50 15.55 25.48
C GLY A 170 15.08 16.05 24.15
N SER A 171 14.31 16.79 23.36
CA SER A 171 14.78 17.27 22.06
C SER A 171 15.29 16.06 21.29
N THR A 172 16.37 16.22 20.55
CA THR A 172 16.91 15.09 19.78
C THR A 172 18.00 14.31 20.48
N TYR A 173 18.12 14.49 21.78
CA TYR A 173 19.12 13.77 22.57
C TYR A 173 18.48 12.53 23.18
N THR A 174 18.88 11.38 22.68
CA THR A 174 18.36 10.11 23.15
C THR A 174 18.48 9.91 24.65
N ASP A 175 19.64 10.24 25.20
CA ASP A 175 19.86 10.09 26.64
C ASP A 175 18.88 10.94 27.44
N LEU A 176 18.52 12.10 26.91
CA LEU A 176 17.58 12.98 27.61
C LEU A 176 16.17 12.40 27.57
N ARG A 177 15.82 11.75 26.47
CA ARG A 177 14.50 11.14 26.33
C ARG A 177 14.37 10.04 27.37
N ARG A 178 15.42 9.24 27.51
CA ARG A 178 15.40 8.16 28.48
C ARG A 178 15.32 8.72 29.89
N TYR A 179 16.04 9.80 30.14
CA TYR A 179 16.04 10.44 31.46
C TYR A 179 14.64 10.96 31.78
N ALA A 180 14.08 11.76 30.87
CA ALA A 180 12.74 12.32 31.06
C ALA A 180 11.71 11.22 31.25
N ALA A 181 11.77 10.21 30.38
CA ALA A 181 10.84 9.09 30.44
C ALA A 181 10.93 8.37 31.79
N ARG A 182 12.15 8.18 32.28
CA ARG A 182 12.33 7.49 33.56
C ARG A 182 11.76 8.32 34.73
N ARG A 183 12.08 9.61 34.75
CA ARG A 183 11.59 10.48 35.82
C ARG A 183 10.07 10.58 35.84
N LEU A 184 9.45 10.81 34.68
CA LEU A 184 8.00 10.93 34.62
C LEU A 184 7.28 9.63 34.94
N SER A 185 7.88 8.51 34.56
CA SER A 185 7.26 7.22 34.84
C SER A 185 7.16 6.96 36.34
N SER A 186 8.12 7.49 37.09
CA SER A 186 8.11 7.28 38.54
C SER A 186 7.16 8.24 39.22
N MET A 187 6.68 9.24 38.48
CA MET A 187 5.73 10.20 39.03
C MET A 187 4.35 9.67 38.69
N ASN A 188 3.29 10.21 39.32
CA ASN A 188 1.99 9.68 38.99
C ASN A 188 1.15 10.54 38.05
N PHE A 189 1.30 10.23 36.77
CA PHE A 189 0.56 10.87 35.69
C PHE A 189 -0.04 9.68 34.97
N GLU A 190 -1.06 9.91 34.15
CA GLU A 190 -1.70 8.79 33.47
C GLU A 190 -1.37 8.59 32.00
N ILE A 191 -0.87 9.62 31.33
CA ILE A 191 -0.53 9.49 29.93
C ILE A 191 0.79 10.19 29.64
N HIS A 192 1.61 9.58 28.80
CA HIS A 192 2.89 10.17 28.44
C HIS A 192 3.02 10.53 26.97
N PRO A 193 2.77 11.81 26.64
CA PRO A 193 2.90 12.22 25.25
C PRO A 193 4.40 12.34 24.96
N ILE A 194 4.78 12.28 23.70
CA ILE A 194 6.18 12.44 23.33
C ILE A 194 6.21 13.74 22.55
N GLY A 195 6.88 14.73 23.10
CA GLY A 195 6.91 16.03 22.46
C GLY A 195 8.12 16.39 21.62
N GLY A 196 8.05 17.58 21.03
CA GLY A 196 9.15 18.06 20.21
C GLY A 196 9.32 17.36 18.88
N VAL A 197 8.33 16.59 18.44
CA VAL A 197 8.46 15.89 17.17
C VAL A 197 7.78 16.59 16.01
N VAL A 198 6.93 17.57 16.31
CA VAL A 198 6.22 18.30 15.26
C VAL A 198 7.10 18.76 14.10
N PRO A 199 8.22 19.44 14.39
CA PRO A 199 9.08 19.90 13.31
C PRO A 199 9.69 18.74 12.50
N LEU A 200 9.91 17.60 13.15
CA LEU A 200 10.49 16.44 12.49
C LEU A 200 9.50 15.82 11.50
N LEU A 201 8.26 15.66 11.93
CA LEU A 201 7.23 15.09 11.06
C LEU A 201 7.02 15.97 9.82
N GLU A 202 6.89 17.28 10.01
CA GLU A 202 6.70 18.20 8.89
C GLU A 202 7.89 18.14 7.94
N SER A 203 9.07 17.86 8.49
CA SER A 203 10.29 17.76 7.68
C SER A 203 10.46 16.37 7.11
N TYR A 204 9.55 15.46 7.47
CA TYR A 204 9.62 14.08 7.01
C TYR A 204 10.87 13.38 7.54
N ARG A 205 11.34 13.81 8.71
CA ARG A 205 12.51 13.20 9.32
C ARG A 205 12.01 12.05 10.22
N PHE A 206 11.30 11.11 9.61
CA PHE A 206 10.72 9.98 10.32
C PHE A 206 11.70 9.13 11.09
N ARG A 207 12.91 8.94 10.54
CA ARG A 207 13.91 8.12 11.21
C ARG A 207 14.33 8.76 12.53
N ASP A 208 14.34 10.09 12.60
CA ASP A 208 14.68 10.76 13.85
C ASP A 208 13.50 10.58 14.82
N VAL A 209 12.28 10.51 14.29
CA VAL A 209 11.12 10.30 15.15
C VAL A 209 11.16 8.88 15.73
N VAL A 210 11.59 7.91 14.92
CA VAL A 210 11.66 6.53 15.39
C VAL A 210 12.64 6.41 16.56
N ASP A 211 13.79 7.06 16.46
CA ASP A 211 14.77 6.97 17.54
C ASP A 211 14.33 7.66 18.81
N ILE A 212 13.61 8.77 18.67
CA ILE A 212 13.11 9.48 19.84
C ILE A 212 11.97 8.68 20.48
N VAL A 213 11.12 8.08 19.66
CA VAL A 213 10.00 7.30 20.21
C VAL A 213 10.46 6.02 20.90
N ILE A 214 11.34 5.28 20.25
CA ILE A 214 11.81 4.03 20.85
C ILE A 214 12.65 4.26 22.10
N SER A 215 13.43 5.34 22.09
CA SER A 215 14.27 5.69 23.22
C SER A 215 13.35 6.03 24.39
N SER A 216 12.21 6.64 24.08
CA SER A 216 11.24 7.01 25.10
C SER A 216 10.51 5.78 25.63
N LYS A 217 10.05 4.93 24.72
CA LYS A 217 9.33 3.71 25.11
C LYS A 217 10.14 2.70 25.92
N MET A 218 11.46 2.69 25.74
CA MET A 218 12.30 1.75 26.47
C MET A 218 12.42 2.14 27.94
N ALA A 219 12.25 3.41 28.24
CA ALA A 219 12.36 3.91 29.60
C ALA A 219 11.01 4.17 30.29
N LEU A 220 9.91 4.03 29.56
CA LEU A 220 8.57 4.28 30.10
C LEU A 220 7.90 3.03 30.65
N ARG A 221 7.05 3.21 31.66
CA ARG A 221 6.30 2.08 32.22
C ARG A 221 5.42 1.64 31.05
N PRO A 222 5.37 0.33 30.77
CA PRO A 222 4.56 -0.17 29.67
C PRO A 222 3.05 0.00 29.83
N ASP A 223 2.60 0.18 31.06
CA ASP A 223 1.17 0.28 31.34
C ASP A 223 0.49 1.65 31.19
N ARG A 224 1.16 2.63 30.61
CA ARG A 224 0.52 3.92 30.40
C ARG A 224 0.43 4.25 28.91
N PRO A 225 -0.69 4.87 28.48
CA PRO A 225 -0.88 5.23 27.07
C PRO A 225 0.23 6.20 26.61
N VAL A 226 0.66 6.06 25.36
CA VAL A 226 1.68 6.93 24.80
C VAL A 226 1.02 7.74 23.69
N HIS A 227 1.34 9.03 23.65
CA HIS A 227 0.75 9.98 22.72
C HIS A 227 1.82 10.68 21.84
N LEU A 228 1.76 10.47 20.52
CA LEU A 228 2.75 11.13 19.66
C LEU A 228 2.19 12.51 19.33
N PHE A 229 2.56 13.49 20.15
CA PHE A 229 2.04 14.84 20.01
C PHE A 229 2.28 15.50 18.67
N GLY A 230 1.19 15.92 18.03
CA GLY A 230 1.31 16.56 16.73
C GLY A 230 1.29 15.62 15.54
N ALA A 231 1.35 14.32 15.77
CA ALA A 231 1.34 13.37 14.67
C ALA A 231 -0.11 13.25 14.17
N GLY A 232 -0.48 14.09 13.20
CA GLY A 232 -1.85 14.04 12.70
C GLY A 232 -2.04 13.64 11.25
N HIS A 233 -1.02 13.04 10.64
CA HIS A 233 -1.13 12.63 9.25
C HIS A 233 -1.03 11.09 9.16
N PRO A 234 -2.01 10.46 8.49
CA PRO A 234 -2.16 9.02 8.26
C PRO A 234 -0.89 8.28 7.84
N ILE A 235 -0.04 8.95 7.09
CA ILE A 235 1.19 8.35 6.60
C ILE A 235 2.04 7.70 7.69
N VAL A 236 1.95 8.20 8.93
CA VAL A 236 2.73 7.63 10.03
C VAL A 236 2.01 6.69 10.99
N PHE A 237 0.68 6.57 10.88
CA PHE A 237 -0.07 5.73 11.82
C PHE A 237 0.45 4.31 12.03
N ALA A 238 0.57 3.52 10.97
CA ALA A 238 1.05 2.14 11.11
C ALA A 238 2.43 2.05 11.76
N LEU A 239 3.38 2.83 11.26
CA LEU A 239 4.74 2.81 11.79
C LEU A 239 4.73 3.17 13.28
N ALA A 240 4.04 4.24 13.63
CA ALA A 240 3.96 4.70 15.02
C ALA A 240 3.29 3.69 15.94
N VAL A 241 2.18 3.10 15.49
CA VAL A 241 1.48 2.13 16.32
C VAL A 241 2.33 0.87 16.51
N ALA A 242 3.16 0.56 15.53
CA ALA A 242 4.03 -0.61 15.63
C ALA A 242 5.07 -0.40 16.73
N MET A 243 5.38 0.85 17.04
CA MET A 243 6.37 1.17 18.08
C MET A 243 5.73 1.30 19.45
N GLY A 244 4.40 1.17 19.53
CA GLY A 244 3.74 1.30 20.82
C GLY A 244 3.04 2.63 21.07
N VAL A 245 2.81 3.41 20.02
CA VAL A 245 2.09 4.67 20.19
C VAL A 245 0.59 4.35 20.21
N ASP A 246 -0.13 4.92 21.16
CA ASP A 246 -1.56 4.67 21.33
C ASP A 246 -2.46 5.85 20.94
N LEU A 247 -1.92 7.07 21.02
CA LEU A 247 -2.70 8.26 20.72
C LEU A 247 -2.05 9.24 19.74
N PHE A 248 -2.91 9.88 18.94
CA PHE A 248 -2.49 10.85 17.95
C PHE A 248 -3.43 12.04 18.04
N ASP A 249 -3.00 13.17 17.51
CA ASP A 249 -3.83 14.35 17.53
C ASP A 249 -3.58 14.98 16.18
N SER A 250 -4.59 15.64 15.63
CA SER A 250 -4.43 16.25 14.33
C SER A 250 -5.15 17.56 14.13
N ALA A 251 -4.39 18.57 13.73
CA ALA A 251 -4.93 19.87 13.40
C ALA A 251 -4.77 19.94 11.88
N SER A 252 -3.94 19.05 11.34
CA SER A 252 -3.67 18.99 9.91
C SER A 252 -4.88 18.76 9.01
N TYR A 253 -5.87 18.02 9.49
CA TYR A 253 -7.06 17.78 8.68
C TYR A 253 -7.70 19.12 8.30
N ALA A 254 -7.74 20.06 9.25
CA ALA A 254 -8.33 21.37 8.99
C ALA A 254 -7.37 22.33 8.29
N LEU A 255 -6.13 22.40 8.79
CA LEU A 255 -5.14 23.30 8.21
C LEU A 255 -4.79 22.95 6.76
N TYR A 256 -4.73 21.65 6.45
CA TYR A 256 -4.45 21.25 5.07
C TYR A 256 -5.62 21.66 4.19
N ALA A 257 -6.83 21.39 4.68
CA ALA A 257 -8.05 21.73 3.95
C ALA A 257 -8.05 23.22 3.62
N LYS A 258 -7.64 24.06 4.57
CA LYS A 258 -7.61 25.50 4.34
C LYS A 258 -6.59 25.88 3.28
N ASP A 259 -5.58 25.05 3.06
CA ASP A 259 -4.59 25.34 2.04
C ASP A 259 -4.83 24.45 0.82
N ASP A 260 -6.07 24.01 0.64
CA ASP A 260 -6.43 23.15 -0.48
C ASP A 260 -5.53 21.93 -0.63
N ARG A 261 -5.26 21.26 0.49
CA ARG A 261 -4.43 20.07 0.46
C ARG A 261 -5.28 18.86 0.84
N TYR A 262 -5.00 17.74 0.17
CA TYR A 262 -5.75 16.50 0.30
C TYR A 262 -4.90 15.35 0.83
N MET A 263 -5.31 14.78 1.97
CA MET A 263 -4.60 13.67 2.57
C MET A 263 -4.91 12.32 1.98
N THR A 264 -3.89 11.48 1.99
CA THR A 264 -3.92 10.14 1.47
C THR A 264 -3.08 9.35 2.49
N PRO A 265 -3.22 8.01 2.53
CA PRO A 265 -2.43 7.24 3.49
C PRO A 265 -0.96 7.26 3.06
N GLU A 266 -0.73 7.63 1.79
CA GLU A 266 0.62 7.67 1.24
C GLU A 266 1.27 9.04 1.21
N GLY A 267 0.53 10.06 1.62
CA GLY A 267 1.08 11.40 1.59
C GLY A 267 0.04 12.48 1.34
N THR A 268 0.45 13.58 0.75
CA THR A 268 -0.46 14.68 0.50
C THR A 268 -0.44 15.18 -0.94
N LYS A 269 -1.61 15.56 -1.44
CA LYS A 269 -1.73 16.08 -2.80
C LYS A 269 -2.41 17.43 -2.76
N ARG A 270 -2.06 18.28 -3.72
CA ARG A 270 -2.69 19.59 -3.84
C ARG A 270 -3.94 19.34 -4.68
N LEU A 271 -5.01 20.06 -4.37
CA LEU A 271 -6.26 19.89 -5.11
C LEU A 271 -6.02 20.12 -6.61
N ASP A 272 -5.13 21.06 -6.91
CA ASP A 272 -4.80 21.41 -8.29
C ASP A 272 -3.96 20.36 -9.01
N GLU A 273 -3.46 19.39 -8.27
CA GLU A 273 -2.66 18.34 -8.88
C GLU A 273 -3.49 17.06 -8.97
N LEU A 274 -4.76 17.15 -8.59
CA LEU A 274 -5.63 15.99 -8.62
C LEU A 274 -6.56 15.93 -9.82
N ASP A 275 -6.56 14.79 -10.50
CA ASP A 275 -7.43 14.57 -11.64
C ASP A 275 -8.53 13.62 -11.19
N TYR A 276 -8.22 12.83 -10.15
CA TYR A 276 -9.17 11.87 -9.61
C TYR A 276 -9.01 11.83 -8.10
N PHE A 277 -10.08 11.44 -7.40
CA PHE A 277 -10.03 11.31 -5.97
C PHE A 277 -9.85 9.81 -5.69
N PRO A 278 -8.66 9.40 -5.20
CA PRO A 278 -8.42 7.97 -4.93
C PRO A 278 -9.01 7.69 -3.55
N CYS A 279 -10.32 7.85 -3.45
CA CYS A 279 -11.02 7.68 -2.19
C CYS A 279 -12.51 7.45 -2.44
N SER A 280 -13.19 6.81 -1.50
CA SER A 280 -14.63 6.53 -1.63
C SER A 280 -15.46 7.10 -0.49
N CYS A 281 -14.87 7.99 0.31
CA CYS A 281 -15.59 8.56 1.45
C CYS A 281 -16.78 9.43 1.03
N PRO A 282 -17.63 9.81 2.00
CA PRO A 282 -18.82 10.64 1.72
C PRO A 282 -18.57 11.82 0.79
N VAL A 283 -17.37 12.38 0.85
CA VAL A 283 -17.01 13.52 0.00
C VAL A 283 -16.60 13.03 -1.40
N CYS A 284 -15.56 12.19 -1.43
CA CYS A 284 -15.03 11.67 -2.68
C CYS A 284 -15.95 10.75 -3.45
N SER A 285 -16.94 10.17 -2.79
CA SER A 285 -17.85 9.27 -3.47
C SER A 285 -18.92 10.05 -4.25
N LYS A 286 -19.05 11.33 -3.98
CA LYS A 286 -20.04 12.13 -4.69
C LYS A 286 -19.45 13.26 -5.52
N TYR A 287 -18.36 13.86 -5.06
CA TYR A 287 -17.74 14.96 -5.81
C TYR A 287 -16.44 14.60 -6.53
N THR A 288 -16.01 15.50 -7.40
CA THR A 288 -14.80 15.27 -8.18
C THR A 288 -13.81 16.43 -7.94
N PRO A 289 -12.52 16.22 -8.22
CA PRO A 289 -11.53 17.28 -8.01
C PRO A 289 -11.84 18.56 -8.79
N GLN A 290 -12.19 18.40 -10.06
CA GLN A 290 -12.47 19.57 -10.90
C GLN A 290 -13.74 20.30 -10.48
N GLU A 291 -14.55 19.67 -9.64
CA GLU A 291 -15.75 20.31 -9.13
C GLU A 291 -15.36 21.15 -7.91
N LEU A 292 -14.73 20.48 -6.93
CA LEU A 292 -14.28 21.11 -5.68
C LEU A 292 -13.47 22.37 -5.89
N ARG A 293 -12.57 22.28 -6.86
CA ARG A 293 -11.65 23.36 -7.22
C ARG A 293 -12.38 24.65 -7.59
N GLU A 294 -13.64 24.53 -7.99
CA GLU A 294 -14.43 25.66 -8.42
C GLU A 294 -15.48 26.13 -7.40
N MET A 295 -15.63 25.38 -6.31
CA MET A 295 -16.61 25.73 -5.28
C MET A 295 -16.13 26.84 -4.37
N PRO A 296 -17.04 27.40 -3.55
CA PRO A 296 -16.66 28.47 -2.63
C PRO A 296 -15.62 27.99 -1.63
N LYS A 297 -14.69 28.88 -1.27
CA LYS A 297 -13.62 28.58 -0.32
C LYS A 297 -14.11 27.82 0.90
N GLU A 298 -15.11 28.38 1.57
CA GLU A 298 -15.67 27.79 2.77
C GLU A 298 -16.19 26.37 2.56
N GLU A 299 -16.76 26.11 1.38
CA GLU A 299 -17.30 24.78 1.08
C GLU A 299 -16.15 23.82 0.77
N ARG A 300 -15.19 24.30 -0.02
CA ARG A 300 -14.01 23.53 -0.38
C ARG A 300 -13.26 23.12 0.89
N THR A 301 -13.06 24.08 1.80
CA THR A 301 -12.36 23.84 3.06
C THR A 301 -13.10 22.79 3.87
N ARG A 302 -14.42 22.97 3.95
CA ARG A 302 -15.30 22.08 4.67
C ARG A 302 -15.22 20.63 4.17
N LEU A 303 -15.37 20.44 2.86
CA LEU A 303 -15.32 19.10 2.26
C LEU A 303 -13.93 18.46 2.35
N LEU A 304 -12.87 19.23 2.15
CA LEU A 304 -11.52 18.70 2.24
C LEU A 304 -11.24 18.25 3.69
N ALA A 305 -11.70 19.05 4.66
CA ALA A 305 -11.50 18.71 6.06
C ALA A 305 -12.23 17.42 6.39
N LEU A 306 -13.47 17.30 5.92
CA LEU A 306 -14.22 16.08 6.18
C LEU A 306 -13.49 14.90 5.53
N HIS A 307 -13.06 15.06 4.29
CA HIS A 307 -12.33 13.99 3.60
C HIS A 307 -11.09 13.63 4.45
N ASN A 308 -10.33 14.64 4.86
CA ASN A 308 -9.15 14.37 5.67
C ASN A 308 -9.49 13.54 6.90
N LEU A 309 -10.58 13.90 7.57
CA LEU A 309 -11.03 13.17 8.75
C LEU A 309 -11.39 11.72 8.43
N TRP A 310 -12.03 11.49 7.28
CA TRP A 310 -12.40 10.13 6.90
C TRP A 310 -11.17 9.26 6.60
N VAL A 311 -10.17 9.86 5.97
CA VAL A 311 -8.96 9.11 5.64
C VAL A 311 -8.26 8.77 6.95
N ILE A 312 -8.25 9.72 7.86
CA ILE A 312 -7.62 9.51 9.16
C ILE A 312 -8.34 8.36 9.86
N LYS A 313 -9.66 8.43 9.89
CA LYS A 313 -10.47 7.40 10.54
C LYS A 313 -10.27 6.02 9.91
N GLU A 314 -10.17 5.99 8.60
CA GLU A 314 -9.99 4.75 7.86
C GLU A 314 -8.62 4.12 8.10
N GLU A 315 -7.56 4.93 8.14
CA GLU A 315 -6.22 4.39 8.40
C GLU A 315 -6.15 3.74 9.78
N ILE A 316 -6.75 4.40 10.77
CA ILE A 316 -6.74 3.85 12.12
C ILE A 316 -7.50 2.53 12.14
N LYS A 317 -8.64 2.46 11.45
CA LYS A 317 -9.39 1.22 11.41
C LYS A 317 -8.58 0.15 10.65
N ARG A 318 -7.82 0.57 9.66
CA ARG A 318 -7.00 -0.35 8.89
C ARG A 318 -5.87 -0.90 9.80
N VAL A 319 -5.28 -0.03 10.62
CA VAL A 319 -4.23 -0.46 11.52
C VAL A 319 -4.77 -1.42 12.58
N LYS A 320 -5.95 -1.11 13.11
CA LYS A 320 -6.52 -1.98 14.12
C LYS A 320 -6.94 -3.33 13.57
N GLN A 321 -7.40 -3.38 12.33
CA GLN A 321 -7.79 -4.67 11.76
C GLN A 321 -6.55 -5.51 11.47
N ALA A 322 -5.44 -4.86 11.10
CA ALA A 322 -4.21 -5.58 10.82
C ALA A 322 -3.65 -6.18 12.12
N ILE A 323 -3.81 -5.45 13.22
CA ILE A 323 -3.36 -5.93 14.52
C ILE A 323 -4.17 -7.17 14.90
N LYS A 324 -5.49 -7.09 14.70
CA LYS A 324 -6.38 -8.18 15.03
C LYS A 324 -5.99 -9.47 14.29
N GLU A 325 -5.58 -9.36 13.04
CA GLU A 325 -5.21 -10.55 12.31
C GLU A 325 -3.71 -10.84 12.34
N GLY A 326 -2.95 -9.97 13.01
CA GLY A 326 -1.52 -10.17 13.13
C GLY A 326 -0.71 -9.88 11.88
N GLU A 327 -1.05 -8.79 11.20
CA GLU A 327 -0.35 -8.39 9.99
C GLU A 327 0.05 -6.93 10.00
N LEU A 328 0.27 -6.36 11.19
CA LEU A 328 0.66 -4.97 11.27
C LEU A 328 1.99 -4.74 10.55
N TRP A 329 2.94 -5.66 10.73
CA TRP A 329 4.23 -5.49 10.07
C TRP A 329 4.11 -5.41 8.54
N ARG A 330 3.16 -6.16 7.99
CA ARG A 330 2.91 -6.18 6.55
C ARG A 330 2.39 -4.80 6.10
N LEU A 331 1.48 -4.22 6.88
CA LEU A 331 0.93 -2.91 6.58
C LEU A 331 2.04 -1.86 6.65
N VAL A 332 2.87 -1.94 7.70
CA VAL A 332 3.97 -1.01 7.87
C VAL A 332 4.88 -1.08 6.65
N ASP A 333 5.19 -2.30 6.24
CA ASP A 333 6.05 -2.51 5.08
C ASP A 333 5.40 -1.83 3.87
N GLU A 334 4.09 -2.02 3.73
CA GLU A 334 3.35 -1.42 2.63
C GLU A 334 3.43 0.11 2.69
N ARG A 335 3.18 0.67 3.87
CA ARG A 335 3.22 2.12 4.02
C ARG A 335 4.62 2.73 3.88
N ALA A 336 5.64 1.96 4.24
CA ALA A 336 7.02 2.45 4.14
C ALA A 336 7.38 2.81 2.70
N ARG A 337 6.64 2.26 1.75
CA ARG A 337 6.91 2.54 0.33
C ARG A 337 6.35 3.90 -0.09
N SER A 338 5.72 4.61 0.84
CA SER A 338 5.14 5.92 0.52
C SER A 338 6.17 7.00 0.23
N HIS A 339 7.29 6.95 0.94
CA HIS A 339 8.31 7.97 0.79
C HIS A 339 9.65 7.38 1.26
N PRO A 340 10.77 7.77 0.61
CA PRO A 340 12.12 7.27 0.95
C PRO A 340 12.43 7.49 2.43
N LYS A 341 12.02 8.64 2.95
CA LYS A 341 12.25 8.96 4.36
C LYS A 341 11.50 8.01 5.30
N LEU A 342 10.34 7.51 4.87
CA LEU A 342 9.56 6.58 5.70
C LEU A 342 10.25 5.23 5.61
N TYR A 343 10.68 4.89 4.40
CA TYR A 343 11.38 3.63 4.16
C TYR A 343 12.59 3.58 5.08
N SER A 344 13.33 4.68 5.12
CA SER A 344 14.51 4.78 5.97
C SER A 344 14.14 4.56 7.44
N ALA A 345 13.06 5.20 7.86
CA ALA A 345 12.59 5.08 9.24
C ALA A 345 12.18 3.65 9.55
N TYR A 346 11.54 3.01 8.57
CA TYR A 346 11.09 1.63 8.72
C TYR A 346 12.28 0.71 8.95
N LYS A 347 13.33 0.89 8.16
CA LYS A 347 14.53 0.08 8.30
C LYS A 347 15.15 0.32 9.69
N ARG A 348 15.23 1.58 10.10
CA ARG A 348 15.79 1.91 11.40
C ARG A 348 14.98 1.20 12.49
N LEU A 349 13.66 1.29 12.41
CA LEU A 349 12.82 0.65 13.42
C LEU A 349 13.18 -0.83 13.56
N LEU A 350 13.30 -1.53 12.44
CA LEU A 350 13.62 -2.96 12.50
C LEU A 350 14.95 -3.26 13.18
N GLU A 351 15.83 -2.27 13.29
CA GLU A 351 17.10 -2.50 13.94
C GLU A 351 16.93 -2.73 15.45
N HIS A 352 15.90 -2.11 16.03
CA HIS A 352 15.61 -2.25 17.46
C HIS A 352 14.95 -3.57 17.81
N TYR A 353 15.59 -4.66 17.41
CA TYR A 353 15.10 -6.00 17.66
C TYR A 353 14.88 -6.32 19.13
N THR A 354 15.86 -5.97 19.97
CA THR A 354 15.75 -6.26 21.40
C THR A 354 14.44 -5.72 21.97
N PHE A 355 14.14 -4.47 21.67
CA PHE A 355 12.92 -3.83 22.15
C PHE A 355 11.65 -4.52 21.62
N LEU A 356 11.54 -4.63 20.30
CA LEU A 356 10.37 -5.25 19.68
C LEU A 356 10.10 -6.70 20.08
N GLU A 357 11.16 -7.48 20.20
CA GLU A 357 11.06 -8.90 20.54
C GLU A 357 10.32 -9.18 21.86
N GLU A 358 10.51 -8.34 22.85
CA GLU A 358 9.83 -8.54 24.13
C GLU A 358 8.30 -8.55 24.03
N PHE A 359 7.76 -7.83 23.07
CA PHE A 359 6.31 -7.75 22.94
C PHE A 359 5.69 -8.54 21.80
N GLU A 360 6.52 -8.96 20.85
CA GLU A 360 6.04 -9.71 19.71
C GLU A 360 5.39 -11.03 20.14
N PRO A 361 4.10 -11.21 19.83
CA PRO A 361 3.35 -12.43 20.19
C PRO A 361 4.09 -13.69 19.73
N ILE A 362 3.97 -14.76 20.48
CA ILE A 362 4.66 -15.99 20.11
C ILE A 362 3.99 -16.66 18.90
N THR A 363 2.71 -16.35 18.70
CA THR A 363 1.96 -16.90 17.58
C THR A 363 0.97 -15.85 17.09
N LYS A 364 0.55 -15.96 15.83
CA LYS A 364 -0.38 -15.01 15.23
C LYS A 364 -1.40 -15.72 14.34
N LYS A 365 -2.55 -15.11 14.16
CA LYS A 365 -3.59 -15.69 13.32
C LYS A 365 -3.17 -15.72 11.84
N SER A 366 -2.44 -14.70 11.40
CA SER A 366 -2.02 -14.61 10.01
C SER A 366 -0.70 -15.31 9.72
N ALA A 367 -0.56 -15.83 8.51
CA ALA A 367 0.69 -16.51 8.14
C ALA A 367 1.77 -15.47 7.90
N LEU A 368 3.02 -15.86 8.14
CA LEU A 368 4.15 -14.97 7.94
C LEU A 368 4.37 -14.76 6.43
N PHE A 369 4.28 -13.51 5.98
CA PHE A 369 4.45 -13.17 4.56
C PHE A 369 5.82 -12.60 4.20
N LYS A 370 6.52 -13.25 3.29
CA LYS A 370 7.81 -12.74 2.82
C LYS A 370 7.44 -11.79 1.66
N ILE A 371 7.36 -10.50 1.92
CA ILE A 371 7.00 -9.55 0.87
C ILE A 371 8.02 -8.46 0.60
N SER A 372 9.22 -8.66 1.14
CA SER A 372 10.30 -7.68 0.95
C SER A 372 11.55 -8.19 1.64
N ASN A 373 12.65 -7.49 1.43
CA ASN A 373 13.92 -7.84 2.06
C ASN A 373 13.79 -7.56 3.56
N GLU A 374 13.04 -6.51 3.89
CA GLU A 374 12.83 -6.11 5.28
C GLU A 374 12.03 -7.13 6.08
N SER A 375 11.07 -7.81 5.46
CA SER A 375 10.29 -8.79 6.21
C SER A 375 11.18 -9.90 6.78
N LEU A 376 12.33 -10.11 6.16
CA LEU A 376 13.29 -11.12 6.64
C LEU A 376 13.95 -10.66 7.94
N ARG A 377 13.71 -9.40 8.31
CA ARG A 377 14.26 -8.84 9.54
C ARG A 377 13.19 -8.52 10.57
N TRP A 378 11.97 -9.00 10.33
CA TRP A 378 10.88 -8.80 11.27
C TRP A 378 11.21 -9.60 12.52
N PRO A 379 10.77 -9.13 13.69
CA PRO A 379 11.03 -9.79 14.97
C PRO A 379 10.78 -11.30 14.99
N VAL A 380 9.66 -11.74 14.44
CA VAL A 380 9.31 -13.16 14.43
C VAL A 380 10.34 -14.01 13.68
N VAL A 381 10.95 -13.43 12.64
CA VAL A 381 11.95 -14.16 11.86
C VAL A 381 13.24 -14.36 12.64
N ARG A 382 13.77 -13.28 13.21
CA ARG A 382 15.01 -13.38 13.97
C ARG A 382 14.82 -14.26 15.21
N ARG A 383 13.66 -14.17 15.85
CA ARG A 383 13.40 -15.00 17.03
C ARG A 383 13.36 -16.47 16.63
N ALA A 384 12.63 -16.79 15.57
CA ALA A 384 12.52 -18.18 15.10
C ALA A 384 13.88 -18.75 14.71
N LYS A 385 14.68 -17.99 13.97
CA LYS A 385 16.01 -18.45 13.55
C LYS A 385 16.87 -18.80 14.74
N GLU A 386 17.02 -17.86 15.67
CA GLU A 386 17.83 -18.08 16.84
C GLU A 386 17.35 -19.25 17.69
N ARG A 387 16.04 -19.43 17.79
CA ARG A 387 15.48 -20.52 18.57
C ARG A 387 15.62 -21.90 17.93
N ALA A 388 15.45 -21.97 16.61
CA ALA A 388 15.55 -23.24 15.89
C ALA A 388 16.95 -23.83 15.87
N LYS A 389 17.96 -23.00 16.09
CA LYS A 389 19.36 -23.43 16.06
C LYS A 389 19.68 -24.69 16.88
N SER A 390 19.45 -24.63 18.19
CA SER A 390 19.73 -25.77 19.05
C SER A 390 18.89 -26.98 18.64
N ILE A 391 17.72 -26.73 18.07
CA ILE A 391 16.83 -27.80 17.64
C ILE A 391 17.40 -28.49 16.39
N ASN A 392 17.69 -27.69 15.37
CA ASN A 392 18.24 -28.23 14.12
C ASN A 392 19.48 -29.06 14.43
N GLU A 393 20.27 -28.58 15.38
CA GLU A 393 21.49 -29.27 15.78
C GLU A 393 21.24 -30.63 16.42
N ARG A 394 20.25 -30.72 17.30
CA ARG A 394 19.97 -31.98 17.96
C ARG A 394 19.20 -32.98 17.12
N PHE A 395 18.11 -32.52 16.49
CA PHE A 395 17.26 -33.41 15.68
C PHE A 395 17.65 -33.56 14.22
N GLY A 396 18.55 -32.73 13.72
CA GLY A 396 18.96 -32.82 12.33
C GLY A 396 17.81 -32.99 11.35
N GLU A 397 18.01 -33.83 10.34
CA GLU A 397 16.99 -34.09 9.32
C GLU A 397 16.39 -32.79 8.79
N LEU A 398 17.26 -31.86 8.47
CA LEU A 398 16.88 -30.55 7.96
C LEU A 398 16.22 -30.61 6.59
N VAL A 399 15.45 -29.58 6.26
CA VAL A 399 14.76 -29.51 4.98
C VAL A 399 14.82 -28.05 4.48
N GLU A 400 14.84 -27.87 3.17
CA GLU A 400 14.89 -26.52 2.58
C GLU A 400 13.69 -25.67 2.94
N HIS A 401 13.94 -24.40 3.27
CA HIS A 401 12.86 -23.49 3.61
C HIS A 401 13.00 -22.17 2.87
N PRO A 402 11.92 -21.74 2.20
CA PRO A 402 11.83 -20.50 1.41
C PRO A 402 12.30 -19.25 2.13
N ILE A 403 12.15 -19.24 3.46
CA ILE A 403 12.54 -18.09 4.26
C ILE A 403 13.74 -18.33 5.17
N PHE A 404 13.72 -19.43 5.90
CA PHE A 404 14.81 -19.73 6.81
C PHE A 404 15.92 -20.57 6.21
N GLY A 405 15.79 -20.91 4.93
CA GLY A 405 16.80 -21.71 4.27
C GLY A 405 16.67 -23.20 4.58
N ARG A 406 16.94 -23.57 5.82
CA ARG A 406 16.84 -24.96 6.23
C ARG A 406 16.40 -25.08 7.68
N VAL A 407 15.44 -25.95 7.93
CA VAL A 407 14.91 -26.17 9.27
C VAL A 407 14.60 -27.65 9.44
N SER A 408 14.84 -28.17 10.63
CA SER A 408 14.57 -29.56 10.92
C SER A 408 13.14 -29.89 10.53
N ARG A 409 12.93 -31.09 10.00
CA ARG A 409 11.59 -31.50 9.60
C ARG A 409 10.66 -31.51 10.80
N TYR A 410 11.24 -31.61 11.99
CA TYR A 410 10.47 -31.67 13.22
C TYR A 410 9.82 -30.34 13.61
N LEU A 411 10.24 -29.26 12.97
CA LEU A 411 9.64 -27.96 13.20
C LEU A 411 8.95 -27.50 11.92
N SER A 412 8.77 -28.42 10.97
CA SER A 412 8.15 -28.06 9.69
C SER A 412 6.63 -27.85 9.72
N LEU A 413 5.99 -28.11 10.86
CA LEU A 413 4.55 -27.93 10.96
C LEU A 413 4.24 -26.81 11.94
N THR A 414 5.30 -26.18 12.43
CA THR A 414 5.16 -25.15 13.44
C THR A 414 5.41 -23.71 12.99
N TYR A 415 4.63 -22.80 13.57
CA TYR A 415 4.74 -21.37 13.28
C TYR A 415 6.14 -20.88 13.64
N PRO A 416 6.75 -20.05 12.78
CA PRO A 416 6.27 -19.54 11.50
C PRO A 416 6.80 -20.33 10.30
N PHE A 417 7.30 -21.53 10.55
CA PHE A 417 7.86 -22.35 9.47
C PHE A 417 6.79 -22.84 8.50
N ALA A 418 5.74 -23.47 9.02
CA ALA A 418 4.67 -23.97 8.18
C ALA A 418 3.72 -22.84 7.78
N GLN A 419 3.41 -21.96 8.74
CA GLN A 419 2.50 -20.84 8.54
C GLN A 419 3.18 -19.61 7.93
N SER A 420 3.93 -19.83 6.86
CA SER A 420 4.61 -18.74 6.20
C SER A 420 4.51 -18.92 4.69
N GLU A 421 4.70 -17.84 3.96
CA GLU A 421 4.65 -17.92 2.52
C GLU A 421 5.62 -16.96 1.88
N ALA A 422 6.29 -17.44 0.84
CA ALA A 422 7.26 -16.64 0.12
C ALA A 422 7.00 -16.82 -1.37
N GLU A 423 7.99 -16.45 -2.18
CA GLU A 423 7.89 -16.55 -3.63
C GLU A 423 7.58 -17.98 -4.02
N ASP A 424 8.29 -18.92 -3.41
CA ASP A 424 8.09 -20.33 -3.68
C ASP A 424 7.45 -21.04 -2.49
N ASP A 425 6.56 -22.00 -2.78
CA ASP A 425 5.87 -22.74 -1.73
C ASP A 425 6.78 -23.66 -0.91
N PHE A 426 6.44 -23.82 0.37
CA PHE A 426 7.20 -24.67 1.28
C PHE A 426 6.40 -25.95 1.55
N LYS A 427 7.02 -27.10 1.31
CA LYS A 427 6.34 -28.36 1.52
C LYS A 427 6.40 -28.88 2.95
N ILE A 428 5.21 -28.98 3.55
CA ILE A 428 5.03 -29.47 4.91
C ILE A 428 5.56 -30.90 4.99
N GLU A 429 6.29 -31.20 6.06
CA GLU A 429 6.85 -32.54 6.24
C GLU A 429 6.12 -33.33 7.32
N LYS A 430 5.14 -34.12 6.90
CA LYS A 430 4.33 -34.91 7.83
C LYS A 430 5.13 -36.02 8.51
N PRO A 431 4.76 -36.35 9.76
CA PRO A 431 5.39 -37.38 10.58
C PRO A 431 5.11 -38.83 10.18
N THR A 432 5.93 -39.73 10.70
CA THR A 432 5.77 -41.16 10.49
C THR A 432 5.28 -41.58 11.87
N LYS A 433 4.70 -42.76 12.01
CA LYS A 433 4.24 -43.18 13.32
C LYS A 433 5.41 -43.34 14.29
N GLU A 434 6.63 -43.40 13.74
CA GLU A 434 7.82 -43.53 14.57
C GLU A 434 8.38 -42.14 14.87
N ASP A 435 8.13 -41.21 13.95
CA ASP A 435 8.59 -39.83 14.08
C ASP A 435 7.76 -38.99 15.04
N ALA A 436 6.44 -39.13 14.96
CA ALA A 436 5.48 -38.37 15.77
C ALA A 436 6.04 -37.76 17.05
N ILE A 437 6.45 -38.58 18.00
CA ILE A 437 6.97 -38.09 19.27
C ILE A 437 8.17 -37.16 19.09
N LYS A 438 8.89 -37.35 17.98
CA LYS A 438 10.06 -36.53 17.69
C LYS A 438 9.61 -35.10 17.39
N TYR A 439 8.43 -34.98 16.78
CA TYR A 439 7.89 -33.66 16.45
C TYR A 439 7.53 -32.90 17.73
N VAL A 440 6.83 -33.58 18.64
CA VAL A 440 6.40 -33.00 19.90
C VAL A 440 7.58 -32.53 20.76
N MET A 441 8.65 -33.33 20.77
CA MET A 441 9.84 -33.01 21.54
C MET A 441 10.56 -31.78 21.04
N ALA A 442 10.68 -31.67 19.72
CA ALA A 442 11.35 -30.53 19.11
C ALA A 442 10.53 -29.26 19.32
N ILE A 443 9.21 -29.42 19.24
CA ILE A 443 8.30 -28.31 19.43
C ILE A 443 8.40 -27.81 20.87
N ALA A 444 8.37 -28.74 21.82
CA ALA A 444 8.46 -28.39 23.23
C ALA A 444 9.76 -27.63 23.51
N GLU A 445 10.85 -28.11 22.93
CA GLU A 445 12.16 -27.51 23.09
C GLU A 445 12.15 -26.08 22.51
N TYR A 446 11.50 -25.97 21.36
CA TYR A 446 11.39 -24.72 20.64
C TYR A 446 10.49 -23.70 21.33
N GLN A 447 9.34 -24.16 21.79
CA GLN A 447 8.33 -23.33 22.43
C GLN A 447 8.54 -23.07 23.92
N PHE A 448 9.05 -24.07 24.63
CA PHE A 448 9.25 -23.94 26.08
C PHE A 448 10.71 -23.79 26.47
N GLY A 449 11.62 -24.01 25.53
CA GLY A 449 13.03 -23.86 25.82
C GLY A 449 13.76 -25.13 26.19
N GLU A 450 15.09 -25.02 26.28
CA GLU A 450 15.97 -26.14 26.61
C GLU A 450 15.47 -27.04 27.73
N GLY A 451 15.62 -28.34 27.51
CA GLY A 451 15.21 -29.34 28.49
C GLY A 451 13.74 -29.68 28.52
N ALA A 452 12.92 -28.83 27.91
CA ALA A 452 11.47 -29.03 27.90
C ALA A 452 10.98 -30.35 27.29
N SER A 453 11.78 -30.97 26.43
CA SER A 453 11.36 -32.22 25.81
C SER A 453 11.22 -33.36 26.81
N ARG A 454 11.92 -33.27 27.95
CA ARG A 454 11.86 -34.31 28.97
C ARG A 454 10.43 -34.52 29.46
N ALA A 455 9.63 -33.47 29.39
CA ALA A 455 8.25 -33.54 29.83
C ALA A 455 7.40 -34.40 28.90
N PHE A 456 7.87 -34.65 27.68
CA PHE A 456 7.08 -35.46 26.74
C PHE A 456 7.80 -36.68 26.19
N ASP A 457 9.02 -36.94 26.67
CA ASP A 457 9.80 -38.09 26.22
C ASP A 457 9.03 -39.38 25.96
N ASP A 458 8.35 -39.87 26.98
CA ASP A 458 7.63 -41.13 26.89
C ASP A 458 6.16 -41.04 26.53
N ALA A 459 5.78 -39.96 25.86
CA ALA A 459 4.38 -39.79 25.48
C ALA A 459 4.02 -40.50 24.17
N LYS A 460 2.72 -40.65 23.95
CA LYS A 460 2.20 -41.27 22.75
C LYS A 460 1.54 -40.14 21.95
N VAL A 461 1.90 -40.00 20.69
CA VAL A 461 1.35 -38.94 19.83
C VAL A 461 0.32 -39.50 18.84
N GLU A 462 -0.91 -39.03 18.96
CA GLU A 462 -1.97 -39.47 18.06
C GLU A 462 -1.93 -38.69 16.75
N LEU A 463 -2.19 -39.40 15.65
CA LEU A 463 -2.20 -38.79 14.33
C LEU A 463 -3.63 -38.79 13.78
N SER A 464 -4.04 -37.66 13.20
CA SER A 464 -5.38 -37.48 12.64
C SER A 464 -5.60 -38.21 11.32
N LYS A 465 -6.73 -37.91 10.67
CA LYS A 465 -7.05 -38.50 9.37
C LYS A 465 -5.88 -38.15 8.47
N THR A 466 -5.37 -36.94 8.65
CA THR A 466 -4.21 -36.45 7.93
C THR A 466 -3.07 -36.95 8.81
N GLY A 467 -1.86 -37.07 8.29
CA GLY A 467 -0.78 -37.55 9.13
C GLY A 467 -0.30 -36.47 10.09
N MET A 468 -1.24 -35.67 10.59
CA MET A 468 -0.93 -34.58 11.50
C MET A 468 -1.03 -34.93 12.98
N PRO A 469 -0.01 -34.55 13.76
CA PRO A 469 0.05 -34.80 15.21
C PRO A 469 -1.02 -34.01 15.91
N ARG A 470 -1.70 -34.63 16.87
CA ARG A 470 -2.74 -33.94 17.61
C ARG A 470 -2.61 -34.13 19.13
N GLN A 471 -3.33 -35.11 19.67
CA GLN A 471 -3.30 -35.38 21.09
C GLN A 471 -2.04 -36.09 21.54
N VAL A 472 -1.41 -35.57 22.59
CA VAL A 472 -0.20 -36.15 23.16
C VAL A 472 -0.61 -36.75 24.50
N LYS A 473 -0.57 -38.08 24.59
CA LYS A 473 -0.98 -38.76 25.81
C LYS A 473 0.08 -39.69 26.38
N VAL A 474 -0.05 -40.01 27.66
CA VAL A 474 0.88 -40.91 28.31
C VAL A 474 0.21 -41.57 29.51
N ASN A 475 0.43 -42.88 29.66
CA ASN A 475 -0.14 -43.69 30.73
C ASN A 475 -1.29 -43.01 31.47
N GLY A 476 -2.36 -42.71 30.73
CA GLY A 476 -3.50 -42.06 31.33
C GLY A 476 -4.18 -41.05 30.42
N LYS A 477 -4.05 -39.77 30.73
CA LYS A 477 -4.70 -38.75 29.91
C LYS A 477 -3.76 -37.92 29.03
N ARG A 478 -4.30 -36.82 28.54
CA ARG A 478 -3.62 -35.90 27.66
C ARG A 478 -2.69 -34.94 28.39
N LEU A 479 -1.49 -34.77 27.85
CA LEU A 479 -0.50 -33.87 28.41
C LEU A 479 -0.59 -32.55 27.67
N ALA A 480 -0.97 -32.65 26.40
CA ALA A 480 -1.08 -31.47 25.55
C ALA A 480 -1.67 -31.87 24.19
N THR A 481 -1.80 -30.89 23.32
CA THR A 481 -2.33 -31.11 21.98
C THR A 481 -1.66 -30.14 21.03
N VAL A 482 -1.23 -30.64 19.88
CA VAL A 482 -0.59 -29.80 18.88
C VAL A 482 -1.70 -29.08 18.13
N ARG A 483 -1.66 -27.76 18.14
CA ARG A 483 -2.70 -26.97 17.45
C ARG A 483 -2.63 -27.11 15.95
N ALA A 484 -3.81 -27.22 15.34
CA ALA A 484 -3.92 -27.34 13.89
C ALA A 484 -3.50 -26.03 13.24
N ASP A 485 -3.91 -24.91 13.83
CA ASP A 485 -3.59 -23.60 13.27
C ASP A 485 -2.14 -23.11 13.32
N ASP A 486 -1.38 -23.45 14.37
CA ASP A 486 -0.01 -22.96 14.43
C ASP A 486 1.07 -24.01 14.73
N GLY A 487 0.64 -25.25 14.91
CA GLY A 487 1.59 -26.31 15.19
C GLY A 487 2.31 -26.20 16.52
N LEU A 488 1.76 -25.38 17.42
CA LEU A 488 2.35 -25.19 18.74
C LEU A 488 1.51 -26.00 19.73
N LEU A 489 2.03 -26.21 20.92
CA LEU A 489 1.34 -27.00 21.92
C LEU A 489 0.40 -26.28 22.87
N THR A 490 -0.80 -26.81 23.01
CA THR A 490 -1.78 -26.29 23.94
C THR A 490 -1.63 -27.25 25.12
N LEU A 491 -1.21 -26.72 26.26
CA LEU A 491 -1.01 -27.57 27.42
C LEU A 491 -2.27 -28.06 28.09
N GLY A 492 -2.21 -29.30 28.55
CA GLY A 492 -3.32 -29.89 29.30
C GLY A 492 -2.81 -29.74 30.72
N ILE A 493 -3.66 -29.92 31.71
CA ILE A 493 -3.20 -29.74 33.09
C ILE A 493 -2.09 -30.74 33.46
N GLU A 494 -2.21 -31.98 32.98
CA GLU A 494 -1.22 -32.99 33.26
C GLU A 494 0.11 -32.60 32.60
N GLY A 495 0.02 -31.94 31.44
CA GLY A 495 1.23 -31.51 30.75
C GLY A 495 1.90 -30.38 31.51
N ALA A 496 1.09 -29.50 32.10
CA ALA A 496 1.64 -28.38 32.88
C ALA A 496 2.37 -28.94 34.10
N LYS A 497 1.84 -30.02 34.67
CA LYS A 497 2.48 -30.65 35.82
C LYS A 497 3.87 -31.14 35.48
N ARG A 498 4.00 -31.77 34.32
CA ARG A 498 5.29 -32.31 33.87
C ARG A 498 6.30 -31.21 33.60
N LEU A 499 5.90 -30.14 32.93
CA LEU A 499 6.80 -29.04 32.66
C LEU A 499 7.20 -28.36 33.96
N HIS A 500 6.30 -28.35 34.92
CA HIS A 500 6.57 -27.72 36.21
C HIS A 500 7.71 -28.43 36.94
N ARG A 501 7.67 -29.76 36.98
CA ARG A 501 8.75 -30.48 37.64
C ARG A 501 10.03 -30.50 36.80
N VAL A 502 9.88 -30.59 35.48
CA VAL A 502 11.02 -30.63 34.57
C VAL A 502 11.79 -29.31 34.43
N LEU A 503 11.09 -28.19 34.33
CA LEU A 503 11.77 -26.91 34.20
C LEU A 503 11.88 -26.23 35.55
N PRO A 504 13.06 -25.67 35.86
CA PRO A 504 13.31 -25.01 37.13
C PRO A 504 12.68 -23.62 37.29
N TYR A 505 12.09 -23.39 38.45
CA TYR A 505 11.48 -22.10 38.77
C TYR A 505 12.55 -21.08 38.38
N PRO A 506 12.16 -19.93 37.83
CA PRO A 506 10.83 -19.40 37.51
C PRO A 506 10.34 -19.61 36.06
N ARG A 507 10.91 -20.58 35.36
CA ARG A 507 10.53 -20.83 33.97
C ARG A 507 9.06 -21.09 33.67
N MET A 508 8.49 -20.27 32.79
CA MET A 508 7.09 -20.38 32.39
C MET A 508 6.13 -20.03 33.53
N ARG A 509 6.68 -19.57 34.66
CA ARG A 509 5.85 -19.25 35.81
C ARG A 509 5.22 -17.87 35.86
N VAL A 510 4.01 -17.83 36.40
CA VAL A 510 3.27 -16.61 36.64
C VAL A 510 2.81 -16.79 38.09
N VAL A 511 3.46 -16.08 39.01
CA VAL A 511 3.13 -16.18 40.44
C VAL A 511 2.06 -15.18 40.85
N VAL A 512 0.96 -15.68 41.40
CA VAL A 512 -0.13 -14.82 41.83
C VAL A 512 -0.27 -14.67 43.35
N ASN A 513 -1.05 -13.67 43.74
CA ASN A 513 -1.36 -13.37 45.14
C ASN A 513 -2.06 -14.54 45.81
N LYS A 514 -2.18 -14.43 47.13
CA LYS A 514 -2.86 -15.44 47.93
C LYS A 514 -4.34 -15.18 47.69
N GLU A 515 -4.67 -13.92 47.45
CA GLU A 515 -6.04 -13.52 47.21
C GLU A 515 -6.58 -14.17 45.94
N ALA A 516 -5.77 -14.14 44.89
CA ALA A 516 -6.15 -14.71 43.59
C ALA A 516 -5.95 -16.21 43.46
N GLU A 517 -5.18 -16.79 44.38
CA GLU A 517 -4.88 -18.22 44.34
C GLU A 517 -6.10 -19.15 44.19
N PRO A 518 -7.16 -18.92 44.99
CA PRO A 518 -8.35 -19.78 44.89
C PRO A 518 -9.01 -19.73 43.50
N PHE A 519 -9.06 -18.53 42.92
CA PHE A 519 -9.68 -18.35 41.61
C PHE A 519 -8.95 -19.11 40.53
N ALA A 520 -7.62 -19.03 40.57
CA ALA A 520 -6.80 -19.71 39.58
C ALA A 520 -7.05 -21.21 39.68
N ARG A 521 -7.10 -21.74 40.90
CA ARG A 521 -7.34 -23.16 41.08
C ARG A 521 -8.66 -23.62 40.45
N LYS A 522 -9.61 -22.70 40.34
CA LYS A 522 -10.93 -22.99 39.76
C LYS A 522 -10.94 -22.86 38.25
N GLY A 523 -9.83 -22.42 37.68
CA GLY A 523 -9.76 -22.25 36.24
C GLY A 523 -10.13 -20.85 35.79
N LYS A 524 -10.40 -19.96 36.74
CA LYS A 524 -10.76 -18.58 36.40
C LYS A 524 -9.52 -17.87 35.87
N ASP A 525 -9.73 -16.83 35.07
CA ASP A 525 -8.59 -16.13 34.51
C ASP A 525 -7.81 -15.36 35.58
N VAL A 526 -6.57 -15.03 35.25
CA VAL A 526 -5.70 -14.29 36.17
C VAL A 526 -5.56 -12.85 35.71
N PHE A 527 -5.88 -11.91 36.60
CA PHE A 527 -5.77 -10.50 36.26
C PHE A 527 -4.41 -10.01 36.70
N ALA A 528 -3.82 -9.12 35.90
CA ALA A 528 -2.49 -8.58 36.16
C ALA A 528 -2.28 -8.00 37.55
N LYS A 529 -3.31 -7.40 38.14
CA LYS A 529 -3.13 -6.82 39.46
C LYS A 529 -2.71 -7.82 40.55
N PHE A 530 -3.06 -9.11 40.36
CA PHE A 530 -2.71 -10.13 41.35
C PHE A 530 -1.37 -10.82 41.07
N VAL A 531 -0.72 -10.44 39.96
CA VAL A 531 0.55 -11.04 39.61
C VAL A 531 1.68 -10.32 40.34
N ILE A 532 2.38 -11.04 41.22
CA ILE A 532 3.47 -10.44 41.97
C ILE A 532 4.81 -10.64 41.26
N PHE A 533 4.92 -11.74 40.53
CA PHE A 533 6.15 -12.05 39.79
C PHE A 533 5.87 -12.95 38.59
N ALA A 534 6.76 -12.92 37.61
CA ALA A 534 6.60 -13.75 36.43
C ALA A 534 7.92 -13.88 35.68
N ASP A 535 8.08 -14.99 34.98
CA ASP A 535 9.27 -15.25 34.19
C ASP A 535 9.41 -14.18 33.11
N PRO A 536 10.57 -13.50 33.06
CA PRO A 536 10.87 -12.44 32.09
C PRO A 536 10.85 -12.90 30.63
N GLY A 537 11.08 -14.20 30.44
CA GLY A 537 11.08 -14.78 29.11
C GLY A 537 9.70 -15.03 28.54
N ILE A 538 8.65 -14.93 29.36
CA ILE A 538 7.31 -15.15 28.85
C ILE A 538 6.99 -14.07 27.82
N ARG A 539 6.34 -14.48 26.74
CA ARG A 539 5.96 -13.56 25.67
C ARG A 539 4.47 -13.70 25.49
N PRO A 540 3.82 -12.69 24.87
CA PRO A 540 2.38 -12.75 24.67
C PRO A 540 1.99 -14.03 23.93
N TYR A 541 0.96 -14.68 24.45
CA TYR A 541 0.40 -15.91 23.90
C TYR A 541 1.17 -17.21 24.16
N ASP A 542 2.13 -17.16 25.09
CA ASP A 542 2.89 -18.35 25.47
C ASP A 542 2.01 -19.15 26.41
N GLU A 543 2.32 -20.44 26.56
CA GLU A 543 1.60 -21.31 27.49
C GLU A 543 2.31 -20.97 28.80
N VAL A 544 1.57 -20.83 29.88
CA VAL A 544 2.20 -20.46 31.12
C VAL A 544 1.70 -21.29 32.31
N LEU A 545 2.51 -21.37 33.35
CA LEU A 545 2.16 -22.12 34.54
C LEU A 545 1.77 -21.13 35.65
N VAL A 546 0.51 -21.16 36.04
CA VAL A 546 0.03 -20.27 37.09
C VAL A 546 0.39 -20.89 38.43
N VAL A 547 1.17 -20.17 39.21
CA VAL A 547 1.65 -20.71 40.47
C VAL A 547 1.58 -19.73 41.65
N ASN A 548 1.61 -20.26 42.88
CA ASN A 548 1.61 -19.39 44.07
C ASN A 548 3.06 -19.23 44.51
N GLU A 549 3.29 -18.43 45.55
CA GLU A 549 4.66 -18.20 46.03
C GLU A 549 5.48 -19.44 46.38
N ASN A 550 4.82 -20.53 46.75
CA ASN A 550 5.53 -21.78 47.07
C ASN A 550 5.83 -22.57 45.80
N ASP A 551 5.49 -21.99 44.66
CA ASP A 551 5.65 -22.59 43.35
C ASP A 551 4.81 -23.85 43.24
N GLU A 552 3.60 -23.79 43.80
CA GLU A 552 2.69 -24.92 43.70
C GLU A 552 1.79 -24.62 42.50
N LEU A 553 1.64 -25.59 41.61
CA LEU A 553 0.82 -25.41 40.41
C LEU A 553 -0.64 -25.10 40.77
N LEU A 554 -1.19 -24.07 40.13
CA LEU A 554 -2.58 -23.68 40.36
C LEU A 554 -3.41 -23.90 39.09
N ALA A 555 -2.80 -23.62 37.95
CA ALA A 555 -3.48 -23.76 36.66
C ALA A 555 -2.52 -23.53 35.52
N THR A 556 -3.00 -23.79 34.31
CA THR A 556 -2.18 -23.59 33.13
C THR A 556 -3.00 -22.70 32.20
N GLY A 557 -2.33 -21.83 31.45
CA GLY A 557 -3.07 -20.98 30.55
C GLY A 557 -2.22 -20.34 29.47
N GLN A 558 -2.74 -19.28 28.88
CA GLN A 558 -2.03 -18.57 27.82
C GLN A 558 -1.86 -17.11 28.24
N ALA A 559 -0.63 -16.62 28.11
CA ALA A 559 -0.30 -15.25 28.46
C ALA A 559 -0.83 -14.24 27.45
N LEU A 560 -1.20 -13.07 27.92
CA LEU A 560 -1.68 -12.02 27.04
C LEU A 560 -0.65 -10.90 27.06
N LEU A 561 0.21 -10.93 28.07
CA LEU A 561 1.25 -9.92 28.25
C LEU A 561 2.62 -10.58 28.40
N SER A 562 3.69 -9.80 28.27
CA SER A 562 5.02 -10.35 28.47
C SER A 562 5.18 -10.56 29.99
N GLY A 563 6.17 -11.33 30.41
CA GLY A 563 6.32 -11.56 31.84
C GLY A 563 6.43 -10.24 32.60
N ARG A 564 7.31 -9.38 32.11
CA ARG A 564 7.55 -8.09 32.70
C ARG A 564 6.27 -7.23 32.78
N GLU A 565 5.45 -7.26 31.73
CA GLU A 565 4.20 -6.50 31.69
C GLU A 565 3.21 -6.96 32.75
N MET A 566 3.15 -8.27 32.99
CA MET A 566 2.23 -8.80 33.99
C MET A 566 2.51 -8.19 35.36
N ILE A 567 3.78 -7.89 35.62
CA ILE A 567 4.18 -7.33 36.89
C ILE A 567 3.73 -5.88 37.04
N VAL A 568 3.99 -5.07 36.01
CA VAL A 568 3.64 -3.64 36.03
C VAL A 568 2.15 -3.34 35.92
N PHE A 569 1.48 -3.97 34.96
CA PHE A 569 0.06 -3.70 34.78
C PHE A 569 -0.77 -3.97 36.02
N GLN A 570 -1.74 -3.10 36.25
CA GLN A 570 -2.66 -3.21 37.39
C GLN A 570 -4.10 -3.40 36.91
N TYR A 571 -4.28 -3.43 35.59
CA TYR A 571 -5.60 -3.62 34.98
C TYR A 571 -5.50 -4.62 33.83
N GLY A 572 -6.62 -5.23 33.50
CA GLY A 572 -6.61 -6.18 32.40
C GLY A 572 -6.20 -7.57 32.83
N ARG A 573 -6.42 -8.52 31.93
CA ARG A 573 -6.11 -9.91 32.16
C ARG A 573 -4.65 -10.26 31.84
N ALA A 574 -4.04 -11.04 32.72
CA ALA A 574 -2.66 -11.46 32.53
C ALA A 574 -2.60 -12.79 31.81
N VAL A 575 -3.49 -13.69 32.20
CA VAL A 575 -3.54 -15.03 31.64
C VAL A 575 -4.96 -15.51 31.37
N LYS A 576 -5.14 -16.13 30.21
CA LYS A 576 -6.43 -16.69 29.86
C LYS A 576 -6.23 -18.14 30.27
N VAL A 577 -6.85 -18.51 31.37
CA VAL A 577 -6.69 -19.84 31.92
C VAL A 577 -7.48 -20.95 31.22
N ARG A 578 -6.75 -22.02 30.87
CA ARG A 578 -7.34 -23.17 30.21
C ARG A 578 -7.88 -24.15 31.23
N LYS A 579 -7.13 -24.35 32.31
CA LYS A 579 -7.56 -25.29 33.34
C LYS A 579 -6.87 -25.07 34.66
N GLY A 580 -7.64 -25.19 35.73
CA GLY A 580 -7.11 -25.04 37.08
C GLY A 580 -6.80 -26.41 37.64
N VAL A 581 -5.91 -26.47 38.63
CA VAL A 581 -5.54 -27.75 39.22
C VAL A 581 -6.73 -28.46 39.85
N GLU A 582 -7.79 -27.71 40.13
CA GLU A 582 -8.99 -28.29 40.73
C GLU A 582 -10.16 -28.23 39.75
N LYS B 6 -12.88 1.35 -38.29
CA LYS B 6 -13.39 2.67 -37.83
C LYS B 6 -14.48 2.49 -36.78
N MET B 7 -14.82 1.24 -36.52
CA MET B 7 -15.86 0.90 -35.53
C MET B 7 -15.39 1.21 -34.10
N LEU B 8 -14.08 1.07 -33.89
CA LEU B 8 -13.47 1.28 -32.58
C LEU B 8 -12.32 2.28 -32.69
N LYS B 9 -12.29 3.26 -31.79
CA LYS B 9 -11.21 4.26 -31.79
C LYS B 9 -10.47 4.17 -30.46
N PHE B 10 -9.15 4.34 -30.50
CA PHE B 10 -8.35 4.25 -29.29
C PHE B 10 -7.14 5.17 -29.36
N GLU B 11 -7.05 6.07 -28.38
CA GLU B 11 -5.96 7.02 -28.32
C GLU B 11 -5.44 7.13 -26.90
N ILE B 12 -4.13 7.30 -26.77
CA ILE B 12 -3.48 7.44 -25.47
C ILE B 12 -3.61 8.89 -25.04
N LYS B 13 -4.08 9.11 -23.82
CA LYS B 13 -4.25 10.47 -23.28
C LYS B 13 -3.12 10.81 -22.33
N ALA B 14 -2.58 9.79 -21.67
CA ALA B 14 -1.50 9.95 -20.70
C ALA B 14 -0.83 8.60 -20.53
N ARG B 15 0.38 8.57 -19.98
CA ARG B 15 1.07 7.30 -19.82
C ARG B 15 2.17 7.31 -18.77
N ASP B 16 2.54 6.11 -18.32
CA ASP B 16 3.59 5.93 -17.34
C ASP B 16 3.95 4.44 -17.40
N GLY B 17 5.22 4.16 -17.66
CA GLY B 17 5.65 2.77 -17.79
C GLY B 17 4.99 2.32 -19.07
N ALA B 18 4.58 1.06 -19.14
CA ALA B 18 3.89 0.58 -20.34
C ALA B 18 2.40 0.86 -20.15
N GLY B 19 2.06 1.46 -19.01
CA GLY B 19 0.67 1.78 -18.71
C GLY B 19 0.19 3.05 -19.38
N ARG B 20 -1.12 3.17 -19.52
CA ARG B 20 -1.67 4.34 -20.18
C ARG B 20 -3.14 4.60 -19.88
N ILE B 21 -3.51 5.86 -19.95
CA ILE B 21 -4.89 6.26 -19.77
C ILE B 21 -5.32 6.52 -21.20
N GLY B 22 -6.35 5.81 -21.66
CA GLY B 22 -6.79 5.99 -23.02
C GLY B 22 -8.26 6.32 -23.22
N LYS B 23 -8.56 6.81 -24.42
CA LYS B 23 -9.93 7.14 -24.77
C LYS B 23 -10.40 6.10 -25.76
N LEU B 24 -11.37 5.31 -25.35
CA LEU B 24 -11.93 4.26 -26.18
C LEU B 24 -13.36 4.64 -26.58
N GLU B 25 -13.62 4.65 -27.88
CA GLU B 25 -14.93 5.01 -28.39
C GLU B 25 -15.50 3.92 -29.30
N VAL B 26 -16.74 3.54 -29.02
CA VAL B 26 -17.43 2.53 -29.81
C VAL B 26 -18.89 2.93 -29.94
N ASN B 27 -19.42 2.90 -31.15
CA ASN B 27 -20.82 3.25 -31.39
C ASN B 27 -21.12 4.65 -30.85
N GLY B 28 -20.17 5.56 -31.01
CA GLY B 28 -20.36 6.93 -30.54
C GLY B 28 -20.12 7.08 -29.05
N LYS B 29 -20.18 5.97 -28.32
CA LYS B 29 -19.97 6.00 -26.88
C LYS B 29 -18.48 6.02 -26.56
N LYS B 30 -18.10 6.90 -25.64
CA LYS B 30 -16.70 7.02 -25.26
C LYS B 30 -16.48 6.63 -23.79
N ILE B 31 -15.30 6.08 -23.52
CA ILE B 31 -14.93 5.65 -22.17
C ILE B 31 -13.44 5.84 -21.98
N GLU B 32 -13.03 6.11 -20.75
CA GLU B 32 -11.62 6.28 -20.43
C GLU B 32 -11.11 4.97 -19.83
N THR B 33 -9.89 4.59 -20.19
CA THR B 33 -9.30 3.36 -19.67
C THR B 33 -8.03 3.77 -18.94
N PRO B 34 -7.52 2.93 -18.02
CA PRO B 34 -8.02 1.63 -17.58
C PRO B 34 -9.46 1.65 -17.13
N ALA B 35 -10.22 0.65 -17.54
CA ALA B 35 -11.62 0.54 -17.18
C ALA B 35 -11.93 -0.89 -16.77
N ILE B 36 -12.91 -1.04 -15.88
CA ILE B 36 -13.33 -2.35 -15.41
C ILE B 36 -14.79 -2.54 -15.77
N MET B 37 -15.12 -3.68 -16.38
CA MET B 37 -16.50 -3.96 -16.75
C MET B 37 -17.12 -5.02 -15.86
N PRO B 38 -18.15 -4.63 -15.11
CA PRO B 38 -18.82 -5.58 -14.23
C PRO B 38 -19.48 -6.66 -15.09
N VAL B 39 -19.44 -7.89 -14.61
CA VAL B 39 -20.05 -9.01 -15.31
C VAL B 39 -21.48 -9.14 -14.81
N VAL B 40 -22.45 -8.97 -15.69
CA VAL B 40 -23.84 -9.08 -15.29
C VAL B 40 -24.45 -10.39 -15.77
N ASN B 41 -25.07 -11.12 -14.85
CA ASN B 41 -25.72 -12.38 -15.17
C ASN B 41 -27.18 -12.10 -15.44
N PRO B 42 -27.68 -12.49 -16.63
CA PRO B 42 -29.08 -12.27 -17.00
C PRO B 42 -30.06 -12.96 -16.07
N LYS B 43 -29.66 -14.11 -15.52
CA LYS B 43 -30.51 -14.88 -14.63
C LYS B 43 -30.43 -14.45 -13.16
N GLN B 44 -29.37 -13.71 -12.82
CA GLN B 44 -29.16 -13.25 -11.45
C GLN B 44 -28.39 -11.95 -11.45
N MET B 45 -28.98 -10.91 -10.86
CA MET B 45 -28.31 -9.62 -10.81
C MET B 45 -28.32 -9.05 -9.40
N VAL B 46 -27.23 -9.27 -8.67
CA VAL B 46 -27.13 -8.74 -7.31
C VAL B 46 -27.31 -7.23 -7.41
N VAL B 47 -26.67 -6.63 -8.42
CA VAL B 47 -26.80 -5.21 -8.65
C VAL B 47 -27.26 -5.03 -10.09
N GLU B 48 -28.29 -4.21 -10.28
CA GLU B 48 -28.85 -3.96 -11.60
C GLU B 48 -27.91 -3.11 -12.47
N PRO B 49 -27.89 -3.35 -13.79
CA PRO B 49 -27.04 -2.57 -14.69
C PRO B 49 -27.39 -1.09 -14.59
N LYS B 50 -28.68 -0.80 -14.40
CA LYS B 50 -29.15 0.58 -14.26
C LYS B 50 -28.36 1.21 -13.11
N GLU B 51 -28.26 0.48 -12.00
CA GLU B 51 -27.53 0.97 -10.85
C GLU B 51 -26.03 1.03 -11.13
N LEU B 52 -25.53 0.06 -11.89
CA LEU B 52 -24.11 0.06 -12.24
C LEU B 52 -23.82 1.30 -13.07
N GLU B 53 -24.70 1.59 -14.03
CA GLU B 53 -24.51 2.77 -14.88
C GLU B 53 -24.52 4.05 -14.04
N LYS B 54 -25.35 4.08 -13.00
CA LYS B 54 -25.41 5.25 -12.14
C LYS B 54 -24.14 5.38 -11.29
N MET B 55 -23.51 4.26 -10.99
CA MET B 55 -22.29 4.27 -10.21
C MET B 55 -21.11 4.65 -11.09
N GLY B 56 -21.37 4.87 -12.38
CA GLY B 56 -20.30 5.24 -13.27
C GLY B 56 -19.71 4.11 -14.10
N PHE B 57 -20.28 2.92 -14.02
CA PHE B 57 -19.76 1.83 -14.86
C PHE B 57 -20.41 1.95 -16.24
N GLU B 58 -19.72 2.62 -17.16
CA GLU B 58 -20.23 2.82 -18.51
C GLU B 58 -19.92 1.72 -19.51
N ILE B 59 -19.45 0.58 -19.03
CA ILE B 59 -19.19 -0.56 -19.88
C ILE B 59 -19.35 -1.81 -19.05
N ILE B 60 -20.13 -2.75 -19.56
CA ILE B 60 -20.36 -4.01 -18.87
C ILE B 60 -20.17 -5.20 -19.81
N ILE B 61 -20.24 -6.40 -19.27
CA ILE B 61 -20.09 -7.62 -20.07
C ILE B 61 -21.08 -8.67 -19.57
N THR B 62 -21.66 -9.41 -20.50
CA THR B 62 -22.62 -10.47 -20.17
C THR B 62 -22.32 -11.70 -21.01
N ASN B 63 -22.98 -12.81 -20.69
CA ASN B 63 -22.77 -14.04 -21.43
C ASN B 63 -23.85 -14.23 -22.50
N SER B 64 -23.45 -14.11 -23.76
CA SER B 64 -24.40 -14.26 -24.87
C SER B 64 -24.96 -15.67 -24.98
N TYR B 65 -24.14 -16.68 -24.67
CA TYR B 65 -24.57 -18.06 -24.74
C TYR B 65 -25.72 -18.29 -23.77
N ILE B 66 -25.51 -17.90 -22.51
CA ILE B 66 -26.55 -18.05 -21.51
C ILE B 66 -27.85 -17.38 -21.97
N ILE B 67 -27.73 -16.23 -22.61
CA ILE B 67 -28.91 -15.51 -23.11
C ILE B 67 -29.50 -16.31 -24.27
N TYR B 68 -28.64 -16.65 -25.23
CA TYR B 68 -29.03 -17.40 -26.41
C TYR B 68 -29.73 -18.73 -26.10
N LYS B 69 -29.32 -19.40 -25.02
CA LYS B 69 -29.91 -20.68 -24.67
C LYS B 69 -31.08 -20.64 -23.72
N ASP B 70 -31.57 -19.44 -23.41
CA ASP B 70 -32.71 -19.30 -22.52
C ASP B 70 -33.85 -18.67 -23.30
N GLU B 71 -34.92 -19.43 -23.50
CA GLU B 71 -36.09 -18.97 -24.24
C GLU B 71 -36.45 -17.52 -23.97
N GLU B 72 -36.93 -17.26 -22.76
CA GLU B 72 -37.31 -15.91 -22.36
C GLU B 72 -36.26 -14.88 -22.75
N LEU B 73 -35.09 -14.97 -22.11
CA LEU B 73 -33.98 -14.05 -22.37
C LEU B 73 -33.72 -13.88 -23.86
N ARG B 74 -33.74 -14.99 -24.59
CA ARG B 74 -33.51 -14.99 -26.03
C ARG B 74 -34.57 -14.13 -26.72
N ARG B 75 -35.84 -14.42 -26.44
CA ARG B 75 -36.95 -13.70 -27.02
C ARG B 75 -36.79 -12.20 -26.80
N LYS B 76 -36.64 -11.82 -25.53
CA LYS B 76 -36.48 -10.43 -25.16
C LYS B 76 -35.28 -9.81 -25.87
N ALA B 77 -34.20 -10.58 -25.95
CA ALA B 77 -32.97 -10.12 -26.59
C ALA B 77 -33.20 -9.71 -28.04
N LEU B 78 -33.69 -10.64 -28.84
CA LEU B 78 -33.97 -10.38 -30.24
C LEU B 78 -35.12 -9.40 -30.37
N GLU B 79 -35.93 -9.30 -29.32
CA GLU B 79 -37.07 -8.39 -29.29
C GLU B 79 -36.69 -6.92 -29.09
N LEU B 80 -36.12 -6.61 -27.93
CA LEU B 80 -35.75 -5.23 -27.60
C LEU B 80 -34.27 -4.92 -27.83
N GLY B 81 -33.45 -5.97 -27.83
CA GLY B 81 -32.02 -5.78 -27.97
C GLY B 81 -31.48 -5.82 -26.54
N ILE B 82 -30.26 -6.28 -26.34
CA ILE B 82 -29.72 -6.34 -24.98
C ILE B 82 -29.75 -5.00 -24.26
N HIS B 83 -29.39 -3.94 -24.96
CA HIS B 83 -29.38 -2.60 -24.38
C HIS B 83 -30.68 -2.25 -23.66
N ARG B 84 -31.82 -2.50 -24.32
CA ARG B 84 -33.11 -2.18 -23.73
C ARG B 84 -33.57 -3.31 -22.81
N MET B 85 -33.10 -4.52 -23.08
CA MET B 85 -33.48 -5.67 -22.25
C MET B 85 -32.88 -5.55 -20.85
N LEU B 86 -31.69 -4.98 -20.78
CA LEU B 86 -31.00 -4.81 -19.50
C LEU B 86 -31.15 -3.39 -18.95
N ASP B 87 -31.87 -2.54 -19.69
CA ASP B 87 -32.09 -1.17 -19.29
C ASP B 87 -30.74 -0.52 -19.01
N TYR B 88 -29.82 -0.70 -19.94
CA TYR B 88 -28.47 -0.16 -19.81
C TYR B 88 -28.09 0.52 -21.12
N ASN B 89 -27.76 1.81 -21.03
CA ASN B 89 -27.40 2.55 -22.22
C ASN B 89 -25.91 2.84 -22.33
N GLY B 90 -25.11 1.91 -21.85
CA GLY B 90 -23.67 2.08 -21.93
C GLY B 90 -23.12 1.12 -22.97
N ILE B 91 -21.80 0.93 -22.96
CA ILE B 91 -21.16 0.01 -23.89
C ILE B 91 -21.34 -1.40 -23.34
N ILE B 92 -21.97 -2.27 -24.12
CA ILE B 92 -22.19 -3.65 -23.70
C ILE B 92 -21.34 -4.61 -24.52
N GLU B 93 -20.51 -5.37 -23.82
CA GLU B 93 -19.63 -6.36 -24.43
C GLU B 93 -20.25 -7.70 -24.04
N VAL B 94 -19.97 -8.73 -24.82
CA VAL B 94 -20.53 -10.02 -24.48
C VAL B 94 -19.49 -11.14 -24.58
N ASP B 95 -19.61 -12.10 -23.68
CA ASP B 95 -18.70 -13.24 -23.65
C ASP B 95 -19.33 -14.31 -24.54
N SER B 96 -18.59 -14.76 -25.54
CA SER B 96 -19.06 -15.77 -26.48
C SER B 96 -19.62 -17.01 -25.80
N GLY B 97 -19.60 -17.01 -24.48
CA GLY B 97 -20.11 -18.14 -23.73
C GLY B 97 -19.09 -19.26 -23.65
N SER B 98 -17.96 -19.05 -24.33
CA SER B 98 -16.89 -20.03 -24.34
C SER B 98 -16.41 -20.37 -22.93
N PHE B 99 -16.85 -19.61 -21.92
CA PHE B 99 -16.45 -19.87 -20.55
C PHE B 99 -17.02 -21.20 -20.04
N GLN B 100 -17.97 -21.74 -20.80
CA GLN B 100 -18.59 -23.03 -20.49
C GLN B 100 -17.78 -24.10 -21.22
N LEU B 101 -17.10 -23.66 -22.28
CA LEU B 101 -16.26 -24.54 -23.09
C LEU B 101 -15.02 -24.91 -22.29
N MET B 102 -14.83 -24.20 -21.18
CA MET B 102 -13.70 -24.42 -20.29
C MET B 102 -14.16 -25.27 -19.10
N LYS B 103 -15.33 -24.92 -18.60
CA LYS B 103 -15.90 -25.62 -17.45
C LYS B 103 -16.65 -26.89 -17.85
N TYR B 104 -16.92 -27.06 -19.13
CA TYR B 104 -17.64 -28.24 -19.62
C TYR B 104 -16.98 -28.88 -20.84
N GLY B 105 -16.17 -28.11 -21.55
CA GLY B 105 -15.48 -28.63 -22.72
C GLY B 105 -16.27 -28.60 -24.01
N SER B 106 -17.56 -28.28 -23.95
CA SER B 106 -18.39 -28.23 -25.15
C SER B 106 -19.71 -27.48 -24.99
N ILE B 107 -20.06 -26.70 -26.01
CA ILE B 107 -21.31 -25.94 -26.02
C ILE B 107 -22.12 -26.29 -27.27
N GLU B 108 -23.42 -26.07 -27.21
CA GLU B 108 -24.30 -26.38 -28.32
C GLU B 108 -24.67 -25.16 -29.14
N VAL B 109 -23.73 -24.74 -29.98
CA VAL B 109 -23.91 -23.58 -30.84
C VAL B 109 -22.61 -23.40 -31.62
N SER B 110 -22.73 -23.06 -32.89
CA SER B 110 -21.56 -22.89 -33.73
C SER B 110 -20.93 -21.52 -33.60
N ASN B 111 -19.67 -21.42 -34.02
CA ASN B 111 -18.93 -20.17 -33.97
C ASN B 111 -19.77 -19.14 -34.75
N ARG B 112 -20.18 -19.54 -35.94
CA ARG B 112 -20.98 -18.71 -36.84
C ARG B 112 -22.33 -18.31 -36.25
N GLU B 113 -22.98 -19.23 -35.56
CA GLU B 113 -24.28 -18.92 -34.97
C GLU B 113 -24.21 -17.84 -33.89
N ILE B 114 -23.39 -18.05 -32.87
CA ILE B 114 -23.29 -17.06 -31.81
C ILE B 114 -22.86 -15.71 -32.35
N ILE B 115 -22.02 -15.70 -33.38
CA ILE B 115 -21.56 -14.46 -33.96
C ILE B 115 -22.69 -13.68 -34.61
N GLU B 116 -23.58 -14.38 -35.29
CA GLU B 116 -24.71 -13.72 -35.94
C GLU B 116 -25.74 -13.31 -34.90
N PHE B 117 -25.83 -14.09 -33.82
CA PHE B 117 -26.78 -13.78 -32.75
C PHE B 117 -26.36 -12.50 -32.02
N GLN B 118 -25.06 -12.28 -31.91
CA GLN B 118 -24.55 -11.08 -31.25
C GLN B 118 -24.86 -9.86 -32.11
N HIS B 119 -24.73 -10.00 -33.42
CA HIS B 119 -25.02 -8.93 -34.36
C HIS B 119 -26.48 -8.52 -34.20
N ARG B 120 -27.35 -9.52 -34.13
CA ARG B 120 -28.79 -9.30 -34.03
C ARG B 120 -29.32 -8.64 -32.78
N ILE B 121 -28.72 -8.90 -31.62
CA ILE B 121 -29.24 -8.28 -30.41
C ILE B 121 -28.67 -6.90 -30.12
N GLY B 122 -27.86 -6.39 -31.05
CA GLY B 122 -27.32 -5.05 -30.89
C GLY B 122 -26.16 -4.88 -29.91
N VAL B 123 -25.34 -5.90 -29.77
CA VAL B 123 -24.20 -5.86 -28.88
C VAL B 123 -23.17 -4.87 -29.43
N ASP B 124 -22.48 -4.14 -28.54
CA ASP B 124 -21.47 -3.19 -28.99
C ASP B 124 -20.18 -3.90 -29.35
N ILE B 125 -19.76 -4.83 -28.51
CA ILE B 125 -18.52 -5.58 -28.73
C ILE B 125 -18.81 -7.07 -28.59
N GLY B 126 -18.53 -7.84 -29.64
CA GLY B 126 -18.78 -9.27 -29.59
C GLY B 126 -17.51 -10.09 -29.47
N THR B 127 -17.66 -11.42 -29.58
CA THR B 127 -16.53 -12.33 -29.48
C THR B 127 -16.85 -13.61 -30.24
N PHE B 128 -15.83 -14.36 -30.61
CA PHE B 128 -16.04 -15.64 -31.29
C PHE B 128 -15.71 -16.72 -30.26
N LEU B 129 -15.86 -17.98 -30.61
CA LEU B 129 -15.60 -19.05 -29.65
C LEU B 129 -14.15 -19.49 -29.46
N ASP B 130 -13.34 -18.67 -28.79
CA ASP B 130 -11.96 -19.03 -28.53
C ASP B 130 -11.96 -20.04 -27.38
N ILE B 131 -11.01 -20.97 -27.38
CA ILE B 131 -10.94 -22.00 -26.32
C ILE B 131 -9.96 -21.61 -25.21
N PRO B 132 -10.46 -21.43 -23.97
CA PRO B 132 -9.63 -21.06 -22.82
C PRO B 132 -8.81 -22.22 -22.28
N THR B 133 -7.76 -22.60 -23.00
CA THR B 133 -6.92 -23.70 -22.56
C THR B 133 -6.39 -23.43 -21.15
N PRO B 134 -6.55 -24.40 -20.24
CA PRO B 134 -6.08 -24.27 -18.85
C PRO B 134 -4.58 -24.05 -18.76
N PRO B 135 -4.12 -23.44 -17.65
CA PRO B 135 -2.73 -23.09 -17.31
C PRO B 135 -1.60 -24.08 -17.63
N ASP B 136 -1.63 -25.29 -17.09
CA ASP B 136 -0.52 -26.19 -17.37
C ASP B 136 -0.92 -27.38 -18.22
N ALA B 137 -1.41 -27.09 -19.43
CA ALA B 137 -1.85 -28.14 -20.33
C ALA B 137 -0.70 -28.72 -21.14
N PRO B 138 -0.88 -29.95 -21.62
CA PRO B 138 0.17 -30.59 -22.43
C PRO B 138 0.30 -29.72 -23.68
N ARG B 139 1.51 -29.55 -24.19
CA ARG B 139 1.70 -28.70 -25.37
C ARG B 139 0.78 -29.08 -26.52
N GLU B 140 0.56 -30.38 -26.72
CA GLU B 140 -0.30 -30.84 -27.80
C GLU B 140 -1.70 -30.24 -27.67
N GLN B 141 -2.21 -30.15 -26.46
CA GLN B 141 -3.53 -29.56 -26.24
C GLN B 141 -3.51 -28.06 -26.50
N ALA B 142 -2.54 -27.35 -25.93
CA ALA B 142 -2.44 -25.92 -26.13
C ALA B 142 -2.36 -25.58 -27.61
N VAL B 143 -1.58 -26.38 -28.37
CA VAL B 143 -1.44 -26.15 -29.80
C VAL B 143 -2.73 -26.44 -30.57
N LYS B 144 -3.37 -27.57 -30.25
CA LYS B 144 -4.61 -27.98 -30.91
C LYS B 144 -5.68 -26.91 -30.75
N GLU B 145 -6.00 -26.61 -29.49
CA GLU B 145 -7.01 -25.63 -29.16
C GLU B 145 -6.69 -24.27 -29.76
N LEU B 146 -5.41 -23.92 -29.83
CA LEU B 146 -5.05 -22.62 -30.39
C LEU B 146 -5.37 -22.55 -31.88
N GLU B 147 -5.10 -23.63 -32.62
CA GLU B 147 -5.39 -23.62 -34.04
C GLU B 147 -6.90 -23.61 -34.28
N ILE B 148 -7.67 -24.25 -33.41
CA ILE B 148 -9.12 -24.26 -33.60
C ILE B 148 -9.56 -22.83 -33.35
N THR B 149 -9.03 -22.24 -32.28
CA THR B 149 -9.32 -20.87 -31.92
C THR B 149 -9.07 -19.93 -33.11
N LEU B 150 -7.90 -20.07 -33.75
CA LEU B 150 -7.56 -19.22 -34.88
C LEU B 150 -8.43 -19.43 -36.12
N SER B 151 -8.87 -20.67 -36.35
CA SER B 151 -9.73 -20.94 -37.50
C SER B 151 -11.06 -20.24 -37.23
N ARG B 152 -11.48 -20.26 -35.97
CA ARG B 152 -12.72 -19.59 -35.60
C ARG B 152 -12.58 -18.08 -35.74
N ALA B 153 -11.35 -17.59 -35.55
CA ALA B 153 -11.07 -16.16 -35.70
C ALA B 153 -11.09 -15.80 -37.18
N ARG B 154 -10.67 -16.73 -38.03
CA ARG B 154 -10.67 -16.48 -39.46
C ARG B 154 -12.10 -16.30 -39.95
N GLU B 155 -13.00 -17.15 -39.47
CA GLU B 155 -14.41 -17.07 -39.85
C GLU B 155 -15.03 -15.77 -39.33
N ALA B 156 -14.71 -15.43 -38.08
CA ALA B 156 -15.22 -14.21 -37.46
C ALA B 156 -14.78 -12.98 -38.25
N GLU B 157 -13.51 -12.93 -38.62
CA GLU B 157 -12.97 -11.80 -39.37
C GLU B 157 -13.70 -11.58 -40.70
N GLU B 158 -14.15 -12.67 -41.32
CA GLU B 158 -14.87 -12.56 -42.60
C GLU B 158 -16.33 -12.20 -42.45
N ILE B 159 -16.96 -12.67 -41.38
CA ILE B 159 -18.39 -12.41 -41.14
C ILE B 159 -18.69 -11.23 -40.23
N LYS B 160 -17.67 -10.75 -39.53
CA LYS B 160 -17.78 -9.65 -38.59
C LYS B 160 -18.41 -8.37 -39.14
N GLU B 161 -19.41 -7.85 -38.42
CA GLU B 161 -20.10 -6.61 -38.78
C GLU B 161 -20.25 -5.81 -37.49
N ILE B 162 -19.34 -6.07 -36.54
CA ILE B 162 -19.37 -5.41 -35.24
C ILE B 162 -17.96 -5.43 -34.64
N PRO B 163 -17.68 -4.52 -33.71
CA PRO B 163 -16.34 -4.54 -33.12
C PRO B 163 -16.22 -5.88 -32.38
N MET B 164 -15.05 -6.53 -32.45
CA MET B 164 -14.88 -7.82 -31.79
C MET B 164 -13.60 -8.04 -31.02
N ASN B 165 -13.71 -8.88 -29.99
CA ASN B 165 -12.56 -9.27 -29.18
C ASN B 165 -11.91 -10.44 -29.89
N ALA B 166 -10.58 -10.45 -29.93
CA ALA B 166 -9.82 -11.56 -30.52
C ALA B 166 -8.89 -11.99 -29.40
N THR B 167 -9.33 -12.99 -28.64
CA THR B 167 -8.59 -13.48 -27.48
C THR B 167 -7.33 -14.33 -27.70
N ILE B 168 -6.23 -13.91 -27.09
CA ILE B 168 -4.95 -14.62 -27.19
C ILE B 168 -5.08 -15.81 -26.26
N GLN B 169 -4.77 -16.98 -26.78
CA GLN B 169 -4.98 -18.19 -26.00
C GLN B 169 -3.96 -19.31 -26.19
N GLY B 170 -2.84 -19.26 -25.49
CA GLY B 170 -1.85 -20.32 -25.64
C GLY B 170 -1.39 -20.97 -24.33
N SER B 171 -2.29 -21.04 -23.36
CA SER B 171 -1.98 -21.62 -22.04
C SER B 171 -0.70 -21.00 -21.46
N THR B 172 0.13 -21.81 -20.80
CA THR B 172 1.38 -21.31 -20.21
C THR B 172 2.61 -21.36 -21.12
N TYR B 173 2.42 -21.38 -22.44
CA TYR B 173 3.55 -21.41 -23.36
C TYR B 173 3.77 -20.03 -23.99
N THR B 174 4.82 -19.35 -23.54
CA THR B 174 5.14 -18.02 -24.04
C THR B 174 5.24 -17.96 -25.56
N ASP B 175 5.82 -18.98 -26.19
CA ASP B 175 5.94 -18.95 -27.64
C ASP B 175 4.56 -19.02 -28.32
N LEU B 176 3.63 -19.76 -27.70
CA LEU B 176 2.29 -19.87 -28.27
C LEU B 176 1.54 -18.54 -28.12
N ARG B 177 1.71 -17.89 -26.98
CA ARG B 177 1.09 -16.59 -26.73
C ARG B 177 1.61 -15.65 -27.81
N ARG B 178 2.92 -15.67 -28.02
CA ARG B 178 3.59 -14.83 -29.01
C ARG B 178 3.00 -15.07 -30.40
N TYR B 179 2.85 -16.35 -30.74
CA TYR B 179 2.31 -16.77 -32.02
C TYR B 179 0.85 -16.28 -32.14
N ALA B 180 0.07 -16.53 -31.10
CA ALA B 180 -1.33 -16.12 -31.08
C ALA B 180 -1.46 -14.62 -31.29
N ALA B 181 -0.66 -13.86 -30.54
CA ALA B 181 -0.70 -12.41 -30.63
C ALA B 181 -0.29 -11.92 -32.01
N ARG B 182 0.74 -12.52 -32.58
CA ARG B 182 1.19 -12.12 -33.91
C ARG B 182 0.10 -12.34 -34.96
N ARG B 183 -0.55 -13.50 -34.89
CA ARG B 183 -1.61 -13.84 -35.84
C ARG B 183 -2.85 -12.93 -35.74
N LEU B 184 -3.44 -12.86 -34.55
CA LEU B 184 -4.64 -12.04 -34.34
C LEU B 184 -4.36 -10.55 -34.56
N SER B 185 -3.14 -10.16 -34.23
CA SER B 185 -2.73 -8.77 -34.38
C SER B 185 -2.70 -8.38 -35.86
N SER B 186 -2.46 -9.36 -36.72
CA SER B 186 -2.41 -9.08 -38.15
C SER B 186 -3.81 -9.08 -38.76
N MET B 187 -4.77 -9.67 -38.06
CA MET B 187 -6.14 -9.72 -38.54
C MET B 187 -6.87 -8.47 -38.06
N ASN B 188 -7.98 -8.13 -38.69
CA ASN B 188 -8.67 -6.91 -38.29
C ASN B 188 -9.70 -7.06 -37.19
N PHE B 189 -9.21 -6.97 -35.96
CA PHE B 189 -10.04 -7.03 -34.76
C PHE B 189 -9.75 -5.74 -34.00
N GLU B 190 -10.60 -5.40 -33.05
CA GLU B 190 -10.42 -4.15 -32.32
C GLU B 190 -9.83 -4.24 -30.91
N ILE B 191 -10.04 -5.37 -30.23
CA ILE B 191 -9.53 -5.54 -28.87
C ILE B 191 -8.93 -6.93 -28.71
N HIS B 192 -7.88 -7.01 -27.89
CA HIS B 192 -7.22 -8.28 -27.64
C HIS B 192 -7.22 -8.68 -26.18
N PRO B 193 -8.18 -9.53 -25.80
CA PRO B 193 -8.20 -9.97 -24.40
C PRO B 193 -7.11 -11.03 -24.29
N ILE B 194 -6.64 -11.26 -23.07
CA ILE B 194 -5.63 -12.27 -22.80
C ILE B 194 -6.41 -13.32 -22.01
N GLY B 195 -6.55 -14.51 -22.57
CA GLY B 195 -7.33 -15.55 -21.90
C GLY B 195 -6.54 -16.65 -21.21
N GLY B 196 -7.26 -17.55 -20.55
CA GLY B 196 -6.64 -18.65 -19.85
C GLY B 196 -5.92 -18.24 -18.57
N VAL B 197 -6.23 -17.07 -18.02
CA VAL B 197 -5.55 -16.65 -16.81
C VAL B 197 -6.41 -16.71 -15.54
N VAL B 198 -7.69 -17.06 -15.69
CA VAL B 198 -8.57 -17.12 -14.53
C VAL B 198 -8.03 -18.08 -13.45
N PRO B 199 -7.71 -19.32 -13.84
CA PRO B 199 -7.19 -20.28 -12.84
C PRO B 199 -5.91 -19.78 -12.18
N LEU B 200 -5.09 -19.03 -12.91
CA LEU B 200 -3.86 -18.53 -12.33
C LEU B 200 -4.15 -17.45 -11.29
N LEU B 201 -5.04 -16.51 -11.64
CA LEU B 201 -5.37 -15.45 -10.71
C LEU B 201 -5.95 -16.00 -9.41
N GLU B 202 -6.88 -16.94 -9.53
CA GLU B 202 -7.50 -17.53 -8.36
C GLU B 202 -6.47 -18.26 -7.49
N SER B 203 -5.49 -18.88 -8.13
CA SER B 203 -4.44 -19.60 -7.39
C SER B 203 -3.31 -18.67 -7.00
N TYR B 204 -3.48 -17.36 -7.25
CA TYR B 204 -2.47 -16.36 -6.94
C TYR B 204 -1.13 -16.62 -7.63
N ARG B 205 -1.19 -17.20 -8.82
CA ARG B 205 0.03 -17.46 -9.57
C ARG B 205 0.24 -16.24 -10.47
N PHE B 206 0.47 -15.10 -9.81
CA PHE B 206 0.66 -13.82 -10.50
C PHE B 206 1.89 -13.75 -11.37
N ARG B 207 2.95 -14.45 -10.99
CA ARG B 207 4.16 -14.44 -11.77
C ARG B 207 3.92 -15.05 -13.16
N ASP B 208 3.18 -16.15 -13.20
CA ASP B 208 2.86 -16.78 -14.47
C ASP B 208 1.99 -15.85 -15.33
N VAL B 209 1.10 -15.10 -14.69
CA VAL B 209 0.26 -14.16 -15.43
C VAL B 209 1.14 -13.08 -16.05
N VAL B 210 2.14 -12.62 -15.32
CA VAL B 210 3.06 -11.59 -15.84
C VAL B 210 3.76 -12.09 -17.11
N ASP B 211 4.28 -13.32 -17.07
CA ASP B 211 4.97 -13.84 -18.24
C ASP B 211 4.03 -14.01 -19.42
N ILE B 212 2.79 -14.42 -19.15
CA ILE B 212 1.79 -14.61 -20.20
C ILE B 212 1.43 -13.25 -20.80
N VAL B 213 1.20 -12.28 -19.93
CA VAL B 213 0.82 -10.94 -20.37
C VAL B 213 1.91 -10.26 -21.18
N ILE B 214 3.14 -10.30 -20.69
CA ILE B 214 4.23 -9.65 -21.42
C ILE B 214 4.55 -10.32 -22.78
N SER B 215 4.53 -11.65 -22.83
CA SER B 215 4.79 -12.33 -24.10
C SER B 215 3.72 -11.91 -25.11
N SER B 216 2.48 -11.81 -24.64
CA SER B 216 1.37 -11.40 -25.48
C SER B 216 1.60 -9.96 -25.95
N LYS B 217 1.81 -9.06 -24.99
CA LYS B 217 1.99 -7.66 -25.29
C LYS B 217 3.13 -7.34 -26.24
N MET B 218 4.22 -8.09 -26.15
CA MET B 218 5.38 -7.89 -27.01
C MET B 218 5.04 -8.08 -28.49
N ALA B 219 4.08 -8.95 -28.79
CA ALA B 219 3.72 -9.22 -30.18
C ALA B 219 2.36 -8.69 -30.63
N LEU B 220 1.78 -7.76 -29.88
CA LEU B 220 0.49 -7.20 -30.25
C LEU B 220 0.67 -5.80 -30.80
N ARG B 221 -0.23 -5.41 -31.71
CA ARG B 221 -0.20 -4.06 -32.25
C ARG B 221 -0.47 -3.19 -31.02
N PRO B 222 0.43 -2.26 -30.70
CA PRO B 222 0.27 -1.38 -29.53
C PRO B 222 -0.95 -0.45 -29.55
N ASP B 223 -1.54 -0.27 -30.73
CA ASP B 223 -2.69 0.62 -30.86
C ASP B 223 -4.03 -0.02 -30.50
N ARG B 224 -4.02 -1.28 -30.10
CA ARG B 224 -5.27 -1.95 -29.75
C ARG B 224 -5.36 -2.15 -28.23
N PRO B 225 -6.56 -1.98 -27.66
CA PRO B 225 -6.73 -2.16 -26.21
C PRO B 225 -6.43 -3.60 -25.78
N VAL B 226 -5.93 -3.76 -24.56
CA VAL B 226 -5.64 -5.09 -24.02
C VAL B 226 -6.50 -5.34 -22.78
N HIS B 227 -7.26 -6.43 -22.82
CA HIS B 227 -8.20 -6.82 -21.76
C HIS B 227 -7.73 -8.07 -21.01
N LEU B 228 -7.46 -7.96 -19.71
CA LEU B 228 -7.01 -9.12 -18.92
C LEU B 228 -8.29 -9.81 -18.48
N PHE B 229 -8.70 -10.80 -19.26
CA PHE B 229 -9.95 -11.51 -19.01
C PHE B 229 -10.10 -12.19 -17.66
N GLY B 230 -11.13 -11.79 -16.94
CA GLY B 230 -11.42 -12.37 -15.64
C GLY B 230 -10.62 -11.79 -14.48
N ALA B 231 -9.84 -10.75 -14.74
CA ALA B 231 -9.05 -10.14 -13.67
C ALA B 231 -9.95 -9.14 -12.95
N GLY B 232 -10.82 -9.65 -12.08
CA GLY B 232 -11.76 -8.78 -11.38
C GLY B 232 -11.47 -8.40 -9.95
N HIS B 233 -10.26 -8.67 -9.48
CA HIS B 233 -9.91 -8.32 -8.11
C HIS B 233 -8.89 -7.18 -8.12
N PRO B 234 -9.19 -6.09 -7.41
CA PRO B 234 -8.34 -4.88 -7.30
C PRO B 234 -6.88 -5.15 -6.97
N ILE B 235 -6.60 -6.30 -6.39
CA ILE B 235 -5.23 -6.61 -5.99
C ILE B 235 -4.23 -6.57 -7.13
N VAL B 236 -4.65 -6.88 -8.35
CA VAL B 236 -3.76 -6.88 -9.51
C VAL B 236 -3.84 -5.67 -10.43
N PHE B 237 -4.74 -4.74 -10.16
CA PHE B 237 -4.89 -3.58 -11.04
C PHE B 237 -3.61 -2.78 -11.37
N ALA B 238 -2.93 -2.26 -10.35
CA ALA B 238 -1.71 -1.49 -10.58
C ALA B 238 -0.71 -2.30 -11.39
N LEU B 239 -0.45 -3.53 -10.96
CA LEU B 239 0.50 -4.39 -11.65
C LEU B 239 0.11 -4.62 -13.11
N ALA B 240 -1.16 -5.00 -13.34
CA ALA B 240 -1.63 -5.25 -14.69
C ALA B 240 -1.55 -4.02 -15.56
N VAL B 241 -1.93 -2.85 -15.03
CA VAL B 241 -1.87 -1.63 -15.81
C VAL B 241 -0.43 -1.20 -16.11
N ALA B 242 0.51 -1.56 -15.24
CA ALA B 242 1.90 -1.18 -15.49
C ALA B 242 2.46 -2.03 -16.65
N MET B 243 1.74 -3.09 -17.01
CA MET B 243 2.14 -3.95 -18.11
C MET B 243 1.40 -3.59 -19.41
N GLY B 244 0.56 -2.57 -19.35
CA GLY B 244 -0.17 -2.17 -20.54
C GLY B 244 -1.54 -2.80 -20.72
N VAL B 245 -2.18 -3.19 -19.63
CA VAL B 245 -3.51 -3.77 -19.68
C VAL B 245 -4.49 -2.60 -19.56
N ASP B 246 -5.47 -2.53 -20.45
CA ASP B 246 -6.41 -1.42 -20.44
C ASP B 246 -7.80 -1.77 -19.92
N LEU B 247 -8.16 -3.04 -19.97
CA LEU B 247 -9.49 -3.46 -19.53
C LEU B 247 -9.50 -4.65 -18.59
N PHE B 248 -10.50 -4.68 -17.71
CA PHE B 248 -10.67 -5.75 -16.76
C PHE B 248 -12.16 -6.05 -16.69
N ASP B 249 -12.52 -7.22 -16.19
CA ASP B 249 -13.93 -7.58 -16.05
C ASP B 249 -14.06 -8.29 -14.72
N SER B 250 -15.13 -8.00 -13.99
CA SER B 250 -15.31 -8.60 -12.68
C SER B 250 -16.65 -9.25 -12.38
N ALA B 251 -16.60 -10.52 -11.98
CA ALA B 251 -17.76 -11.27 -11.60
C ALA B 251 -17.56 -11.47 -10.11
N SER B 252 -16.31 -11.36 -9.68
CA SER B 252 -15.93 -11.52 -8.28
C SER B 252 -16.63 -10.60 -7.28
N TYR B 253 -16.79 -9.33 -7.64
CA TYR B 253 -17.43 -8.40 -6.72
C TYR B 253 -18.73 -8.97 -6.17
N ALA B 254 -19.48 -9.64 -7.04
CA ALA B 254 -20.75 -10.22 -6.64
C ALA B 254 -20.59 -11.63 -6.09
N LEU B 255 -19.76 -12.45 -6.74
CA LEU B 255 -19.56 -13.81 -6.27
C LEU B 255 -18.95 -13.85 -4.87
N TYR B 256 -18.01 -12.94 -4.58
CA TYR B 256 -17.42 -12.91 -3.25
C TYR B 256 -18.49 -12.53 -2.22
N ALA B 257 -19.31 -11.54 -2.58
CA ALA B 257 -20.38 -11.05 -1.73
C ALA B 257 -21.34 -12.16 -1.31
N LYS B 258 -21.66 -13.06 -2.23
CA LYS B 258 -22.56 -14.16 -1.93
C LYS B 258 -21.95 -15.11 -0.91
N ASP B 259 -20.63 -15.11 -0.83
CA ASP B 259 -19.94 -15.98 0.13
C ASP B 259 -19.35 -15.18 1.28
N ASP B 260 -19.93 -14.01 1.55
CA ASP B 260 -19.50 -13.14 2.63
C ASP B 260 -18.01 -12.75 2.57
N ARG B 261 -17.51 -12.51 1.37
CA ARG B 261 -16.12 -12.13 1.20
C ARG B 261 -16.04 -10.64 0.87
N TYR B 262 -15.06 -9.99 1.50
CA TYR B 262 -14.84 -8.55 1.42
C TYR B 262 -13.54 -8.21 0.71
N MET B 263 -13.62 -7.46 -0.39
CA MET B 263 -12.41 -7.10 -1.13
C MET B 263 -11.70 -5.90 -0.53
N THR B 264 -10.40 -5.92 -0.72
CA THR B 264 -9.49 -4.92 -0.24
C THR B 264 -8.47 -4.76 -1.37
N PRO B 265 -7.82 -3.60 -1.47
CA PRO B 265 -6.82 -3.44 -2.53
C PRO B 265 -5.66 -4.40 -2.31
N GLU B 266 -5.53 -4.89 -1.07
CA GLU B 266 -4.45 -5.79 -0.68
C GLU B 266 -4.83 -7.27 -0.67
N GLY B 267 -6.12 -7.56 -0.77
CA GLY B 267 -6.55 -8.95 -0.74
C GLY B 267 -8.02 -9.15 -0.44
N THR B 268 -8.35 -10.23 0.23
CA THR B 268 -9.73 -10.53 0.54
C THR B 268 -9.87 -10.96 1.99
N LYS B 269 -10.94 -10.49 2.63
CA LYS B 269 -11.24 -10.82 4.01
C LYS B 269 -12.61 -11.49 4.11
N ARG B 270 -12.81 -12.30 5.15
CA ARG B 270 -14.10 -12.95 5.40
C ARG B 270 -14.83 -12.01 6.36
N LEU B 271 -16.13 -11.83 6.15
CA LEU B 271 -16.92 -10.94 7.00
C LEU B 271 -16.89 -11.34 8.47
N ASP B 272 -16.82 -12.65 8.72
CA ASP B 272 -16.80 -13.19 10.07
C ASP B 272 -15.45 -12.99 10.75
N GLU B 273 -14.46 -12.56 9.97
CA GLU B 273 -13.12 -12.34 10.47
C GLU B 273 -12.77 -10.85 10.49
N LEU B 274 -13.78 -10.00 10.31
CA LEU B 274 -13.58 -8.55 10.29
C LEU B 274 -14.12 -7.85 11.54
N ASP B 275 -13.27 -7.07 12.19
CA ASP B 275 -13.72 -6.34 13.38
C ASP B 275 -13.94 -4.89 13.01
N TYR B 276 -13.25 -4.42 11.98
CA TYR B 276 -13.39 -3.05 11.53
C TYR B 276 -13.41 -3.08 10.02
N PHE B 277 -14.08 -2.12 9.41
CA PHE B 277 -14.09 -2.00 7.97
C PHE B 277 -13.00 -1.02 7.58
N PRO B 278 -11.94 -1.50 6.90
CA PRO B 278 -10.83 -0.63 6.48
C PRO B 278 -11.23 0.08 5.19
N CYS B 279 -12.35 0.80 5.25
CA CYS B 279 -12.89 1.49 4.07
C CYS B 279 -13.83 2.62 4.48
N SER B 280 -14.05 3.57 3.57
CA SER B 280 -14.94 4.70 3.86
C SER B 280 -16.11 4.82 2.87
N CYS B 281 -16.32 3.79 2.06
CA CYS B 281 -17.38 3.83 1.06
C CYS B 281 -18.79 3.96 1.67
N PRO B 282 -19.81 4.23 0.82
CA PRO B 282 -21.19 4.38 1.27
C PRO B 282 -21.67 3.27 2.20
N VAL B 283 -21.07 2.08 2.09
CA VAL B 283 -21.46 0.96 2.95
C VAL B 283 -20.67 0.98 4.26
N CYS B 284 -19.35 0.88 4.15
CA CYS B 284 -18.49 0.84 5.33
C CYS B 284 -18.53 2.12 6.15
N SER B 285 -19.07 3.17 5.54
CA SER B 285 -19.17 4.47 6.18
C SER B 285 -20.40 4.55 7.07
N LYS B 286 -21.42 3.76 6.74
CA LYS B 286 -22.63 3.78 7.53
C LYS B 286 -22.89 2.58 8.42
N TYR B 287 -22.23 1.45 8.14
CA TYR B 287 -22.42 0.26 8.98
C TYR B 287 -21.11 -0.32 9.50
N THR B 288 -21.23 -1.19 10.51
CA THR B 288 -20.06 -1.85 11.09
C THR B 288 -20.12 -3.33 10.69
N PRO B 289 -19.00 -4.07 10.83
CA PRO B 289 -19.06 -5.48 10.44
C PRO B 289 -20.21 -6.24 11.11
N GLN B 290 -20.29 -6.18 12.43
CA GLN B 290 -21.35 -6.88 13.14
C GLN B 290 -22.76 -6.50 12.66
N GLU B 291 -22.93 -5.24 12.26
CA GLU B 291 -24.23 -4.83 11.76
C GLU B 291 -24.49 -5.51 10.41
N LEU B 292 -23.42 -5.80 9.68
CA LEU B 292 -23.53 -6.46 8.38
C LEU B 292 -23.96 -7.91 8.58
N ARG B 293 -23.38 -8.58 9.56
CA ARG B 293 -23.71 -9.97 9.83
C ARG B 293 -25.17 -10.14 10.27
N GLU B 294 -25.64 -9.22 11.12
CA GLU B 294 -27.01 -9.24 11.64
C GLU B 294 -28.07 -9.23 10.53
N MET B 295 -27.71 -8.69 9.37
CA MET B 295 -28.64 -8.58 8.26
C MET B 295 -28.92 -9.88 7.54
N PRO B 296 -30.08 -9.95 6.86
CA PRO B 296 -30.48 -11.16 6.11
C PRO B 296 -29.53 -11.34 4.92
N LYS B 297 -29.18 -12.59 4.63
CA LYS B 297 -28.28 -12.95 3.55
C LYS B 297 -28.43 -12.07 2.28
N GLU B 298 -29.66 -11.83 1.86
CA GLU B 298 -29.89 -11.05 0.65
C GLU B 298 -29.40 -9.61 0.75
N GLU B 299 -29.74 -8.94 1.84
CA GLU B 299 -29.32 -7.56 2.03
C GLU B 299 -27.80 -7.51 2.19
N ARG B 300 -27.27 -8.45 2.97
CA ARG B 300 -25.84 -8.54 3.25
C ARG B 300 -25.04 -8.67 1.96
N THR B 301 -25.48 -9.56 1.07
CA THR B 301 -24.81 -9.79 -0.20
C THR B 301 -24.77 -8.51 -1.02
N ARG B 302 -25.92 -7.84 -1.09
CA ARG B 302 -26.03 -6.61 -1.85
C ARG B 302 -25.02 -5.56 -1.38
N LEU B 303 -24.99 -5.33 -0.08
CA LEU B 303 -24.07 -4.35 0.49
C LEU B 303 -22.61 -4.74 0.28
N LEU B 304 -22.28 -6.03 0.42
CA LEU B 304 -20.92 -6.47 0.18
C LEU B 304 -20.56 -6.26 -1.29
N ALA B 305 -21.53 -6.50 -2.18
CA ALA B 305 -21.29 -6.33 -3.61
C ALA B 305 -20.96 -4.88 -3.91
N LEU B 306 -21.75 -3.97 -3.35
CA LEU B 306 -21.53 -2.55 -3.55
C LEU B 306 -20.17 -2.14 -3.00
N HIS B 307 -19.82 -2.63 -1.82
CA HIS B 307 -18.52 -2.30 -1.23
C HIS B 307 -17.43 -2.75 -2.21
N ASN B 308 -17.51 -4.00 -2.67
CA ASN B 308 -16.52 -4.52 -3.61
C ASN B 308 -16.43 -3.64 -4.86
N LEU B 309 -17.57 -3.16 -5.36
CA LEU B 309 -17.56 -2.29 -6.53
C LEU B 309 -16.90 -0.95 -6.21
N TRP B 310 -17.13 -0.44 -5.00
CA TRP B 310 -16.52 0.82 -4.62
C TRP B 310 -15.00 0.73 -4.51
N VAL B 311 -14.51 -0.38 -3.94
CA VAL B 311 -13.06 -0.55 -3.80
C VAL B 311 -12.47 -0.68 -5.19
N ILE B 312 -13.17 -1.39 -6.07
CA ILE B 312 -12.71 -1.55 -7.45
C ILE B 312 -12.62 -0.18 -8.12
N LYS B 313 -13.69 0.61 -8.01
CA LYS B 313 -13.73 1.94 -8.61
C LYS B 313 -12.64 2.85 -8.04
N GLU B 314 -12.42 2.74 -6.73
CA GLU B 314 -11.39 3.54 -6.06
C GLU B 314 -9.97 3.17 -6.52
N GLU B 315 -9.67 1.87 -6.58
CA GLU B 315 -8.34 1.42 -7.01
C GLU B 315 -8.04 1.88 -8.43
N ILE B 316 -9.04 1.85 -9.30
CA ILE B 316 -8.87 2.29 -10.68
C ILE B 316 -8.54 3.77 -10.70
N LYS B 317 -9.20 4.57 -9.87
CA LYS B 317 -8.93 6.00 -9.81
C LYS B 317 -7.54 6.22 -9.23
N ARG B 318 -7.15 5.36 -8.30
CA ARG B 318 -5.83 5.48 -7.68
C ARG B 318 -4.76 5.19 -8.71
N VAL B 319 -4.99 4.19 -9.55
CA VAL B 319 -4.05 3.85 -10.61
C VAL B 319 -3.95 4.99 -11.61
N LYS B 320 -5.08 5.52 -12.05
CA LYS B 320 -5.05 6.61 -13.02
C LYS B 320 -4.42 7.87 -12.44
N GLN B 321 -4.71 8.18 -11.17
CA GLN B 321 -4.12 9.37 -10.56
C GLN B 321 -2.61 9.19 -10.48
N ALA B 322 -2.15 7.96 -10.25
CA ALA B 322 -0.72 7.71 -10.16
C ALA B 322 -0.06 7.86 -11.55
N ILE B 323 -0.72 7.40 -12.60
CA ILE B 323 -0.19 7.53 -13.94
C ILE B 323 -0.03 9.01 -14.22
N LYS B 324 -1.06 9.77 -13.90
CA LYS B 324 -1.06 11.19 -14.12
C LYS B 324 0.10 11.92 -13.44
N GLU B 325 0.46 11.52 -12.22
CA GLU B 325 1.57 12.18 -11.56
C GLU B 325 2.93 11.52 -11.86
N GLY B 326 2.91 10.49 -12.69
CA GLY B 326 4.13 9.79 -13.04
C GLY B 326 4.69 8.97 -11.89
N GLU B 327 3.81 8.37 -11.10
CA GLU B 327 4.23 7.57 -9.95
C GLU B 327 3.59 6.19 -9.94
N LEU B 328 3.38 5.60 -11.11
CA LEU B 328 2.76 4.28 -11.18
C LEU B 328 3.64 3.22 -10.51
N TRP B 329 4.95 3.28 -10.79
CA TRP B 329 5.87 2.31 -10.21
C TRP B 329 5.87 2.35 -8.69
N ARG B 330 5.64 3.53 -8.12
CA ARG B 330 5.60 3.64 -6.67
C ARG B 330 4.37 2.90 -6.14
N LEU B 331 3.24 3.11 -6.81
CA LEU B 331 2.00 2.43 -6.40
C LEU B 331 2.14 0.92 -6.57
N VAL B 332 2.77 0.49 -7.66
CA VAL B 332 2.98 -0.93 -7.93
C VAL B 332 3.82 -1.53 -6.80
N ASP B 333 4.87 -0.80 -6.41
CA ASP B 333 5.78 -1.24 -5.36
C ASP B 333 5.02 -1.36 -4.03
N GLU B 334 4.13 -0.43 -3.76
CA GLU B 334 3.32 -0.46 -2.55
C GLU B 334 2.39 -1.67 -2.60
N ARG B 335 1.76 -1.92 -3.74
CA ARG B 335 0.85 -3.06 -3.86
C ARG B 335 1.52 -4.43 -3.83
N ALA B 336 2.77 -4.52 -4.26
CA ALA B 336 3.50 -5.80 -4.24
C ALA B 336 3.67 -6.33 -2.81
N ARG B 337 3.46 -5.47 -1.82
CA ARG B 337 3.63 -5.90 -0.44
C ARG B 337 2.36 -6.56 0.08
N SER B 338 1.34 -6.65 -0.78
CA SER B 338 0.07 -7.26 -0.37
C SER B 338 0.16 -8.76 -0.19
N HIS B 339 1.06 -9.40 -0.92
CA HIS B 339 1.17 -10.85 -0.87
C HIS B 339 2.48 -11.32 -1.48
N PRO B 340 3.09 -12.39 -0.92
CA PRO B 340 4.35 -12.94 -1.41
C PRO B 340 4.34 -13.22 -2.90
N LYS B 341 3.23 -13.76 -3.39
CA LYS B 341 3.10 -14.07 -4.79
C LYS B 341 3.07 -12.82 -5.68
N LEU B 342 2.48 -11.75 -5.19
CA LEU B 342 2.41 -10.52 -5.97
C LEU B 342 3.79 -9.89 -5.96
N TYR B 343 4.45 -9.94 -4.82
CA TYR B 343 5.80 -9.41 -4.68
C TYR B 343 6.68 -10.17 -5.67
N SER B 344 6.50 -11.48 -5.73
CA SER B 344 7.25 -12.32 -6.66
C SER B 344 7.00 -11.85 -8.10
N ALA B 345 5.73 -11.67 -8.44
CA ALA B 345 5.35 -11.24 -9.79
C ALA B 345 5.90 -9.87 -10.14
N TYR B 346 6.02 -9.01 -9.13
CA TYR B 346 6.53 -7.67 -9.31
C TYR B 346 8.01 -7.74 -9.67
N LYS B 347 8.74 -8.62 -9.01
CA LYS B 347 10.17 -8.78 -9.29
C LYS B 347 10.37 -9.38 -10.68
N ARG B 348 9.46 -10.26 -11.08
CA ARG B 348 9.55 -10.89 -12.40
C ARG B 348 9.28 -9.84 -13.48
N LEU B 349 8.30 -8.99 -13.23
CA LEU B 349 7.98 -7.94 -14.20
C LEU B 349 9.20 -7.06 -14.47
N LEU B 350 9.93 -6.68 -13.43
CA LEU B 350 11.09 -5.82 -13.59
C LEU B 350 12.22 -6.50 -14.38
N GLU B 351 12.22 -7.83 -14.44
CA GLU B 351 13.25 -8.52 -15.22
C GLU B 351 12.97 -8.37 -16.71
N HIS B 352 11.74 -8.02 -17.06
CA HIS B 352 11.37 -7.82 -18.46
C HIS B 352 11.65 -6.39 -18.88
N TYR B 353 12.86 -5.95 -18.56
CA TYR B 353 13.36 -4.61 -18.84
C TYR B 353 13.24 -4.15 -20.30
N THR B 354 13.61 -5.01 -21.24
CA THR B 354 13.56 -4.67 -22.65
C THR B 354 12.16 -4.21 -23.10
N PHE B 355 11.14 -4.96 -22.72
CA PHE B 355 9.77 -4.63 -23.07
C PHE B 355 9.36 -3.31 -22.40
N LEU B 356 9.53 -3.24 -21.08
CA LEU B 356 9.15 -2.04 -20.33
C LEU B 356 9.87 -0.77 -20.78
N GLU B 357 11.18 -0.88 -21.02
CA GLU B 357 11.98 0.28 -21.44
C GLU B 357 11.51 0.90 -22.74
N GLU B 358 10.93 0.10 -23.63
CA GLU B 358 10.46 0.64 -24.90
C GLU B 358 9.35 1.69 -24.78
N PHE B 359 8.58 1.63 -23.69
CA PHE B 359 7.47 2.58 -23.50
C PHE B 359 7.67 3.56 -22.36
N GLU B 360 8.75 3.39 -21.62
CA GLU B 360 9.04 4.26 -20.50
C GLU B 360 9.39 5.64 -21.03
N PRO B 361 8.60 6.67 -20.67
CA PRO B 361 8.82 8.05 -21.11
C PRO B 361 10.27 8.47 -20.80
N ILE B 362 10.79 9.41 -21.57
CA ILE B 362 12.15 9.85 -21.38
C ILE B 362 12.33 10.79 -20.19
N THR B 363 11.24 11.41 -19.77
CA THR B 363 11.29 12.34 -18.65
C THR B 363 9.96 12.35 -17.91
N LYS B 364 10.00 12.67 -16.62
CA LYS B 364 8.78 12.70 -15.81
C LYS B 364 8.76 13.92 -14.89
N LYS B 365 7.55 14.27 -14.45
CA LYS B 365 7.34 15.40 -13.56
C LYS B 365 7.74 14.98 -12.15
N SER B 366 7.50 13.71 -11.83
CA SER B 366 7.82 13.15 -10.53
C SER B 366 9.31 12.85 -10.37
N ALA B 367 9.81 12.99 -9.16
CA ALA B 367 11.22 12.73 -8.88
C ALA B 367 11.43 11.24 -8.66
N LEU B 368 12.65 10.78 -8.90
CA LEU B 368 12.99 9.37 -8.72
C LEU B 368 13.18 9.12 -7.23
N PHE B 369 12.34 8.27 -6.66
CA PHE B 369 12.40 7.94 -5.24
C PHE B 369 12.85 6.51 -4.96
N LYS B 370 13.82 6.34 -4.07
CA LYS B 370 14.23 4.99 -3.72
C LYS B 370 13.41 4.58 -2.49
N ILE B 371 12.43 3.71 -2.69
CA ILE B 371 11.60 3.24 -1.59
C ILE B 371 11.68 1.74 -1.39
N SER B 372 12.69 1.11 -2.00
CA SER B 372 12.87 -0.35 -1.88
C SER B 372 14.05 -0.79 -2.74
N ASN B 373 14.44 -2.05 -2.63
CA ASN B 373 15.55 -2.54 -3.44
C ASN B 373 15.05 -2.69 -4.87
N GLU B 374 13.76 -3.00 -5.02
CA GLU B 374 13.18 -3.15 -6.34
C GLU B 374 13.20 -1.86 -7.15
N SER B 375 13.06 -0.73 -6.46
CA SER B 375 13.05 0.56 -7.15
C SER B 375 14.38 0.82 -7.84
N LEU B 376 15.43 0.16 -7.37
CA LEU B 376 16.76 0.32 -7.97
C LEU B 376 16.80 -0.34 -9.34
N ARG B 377 15.81 -1.17 -9.62
CA ARG B 377 15.71 -1.86 -10.90
C ARG B 377 14.58 -1.34 -11.80
N TRP B 378 14.00 -0.20 -11.45
CA TRP B 378 12.95 0.35 -12.29
C TRP B 378 13.55 0.73 -13.64
N PRO B 379 12.76 0.59 -14.71
CA PRO B 379 13.21 0.92 -16.07
C PRO B 379 14.07 2.18 -16.19
N VAL B 380 13.57 3.30 -15.67
CA VAL B 380 14.27 4.58 -15.74
C VAL B 380 15.67 4.54 -15.11
N VAL B 381 15.83 3.70 -14.09
CA VAL B 381 17.12 3.58 -13.41
C VAL B 381 18.08 2.75 -14.26
N ARG B 382 17.61 1.61 -14.76
CA ARG B 382 18.45 0.76 -15.61
C ARG B 382 18.90 1.56 -16.82
N ARG B 383 17.96 2.28 -17.45
CA ARG B 383 18.27 3.07 -18.64
C ARG B 383 19.31 4.17 -18.39
N ALA B 384 19.04 5.05 -17.44
CA ALA B 384 19.95 6.15 -17.12
C ALA B 384 21.34 5.62 -16.75
N LYS B 385 21.37 4.45 -16.13
CA LYS B 385 22.61 3.84 -15.72
C LYS B 385 23.40 3.38 -16.96
N GLU B 386 22.70 2.75 -17.91
CA GLU B 386 23.34 2.27 -19.12
C GLU B 386 23.84 3.41 -20.00
N ARG B 387 23.01 4.43 -20.14
CA ARG B 387 23.35 5.59 -20.96
C ARG B 387 24.45 6.47 -20.39
N ALA B 388 24.63 6.43 -19.07
CA ALA B 388 25.64 7.24 -18.42
C ALA B 388 27.06 6.70 -18.54
N LYS B 389 27.21 5.38 -18.54
CA LYS B 389 28.54 4.77 -18.64
C LYS B 389 29.53 5.43 -19.59
N SER B 390 29.12 5.66 -20.83
CA SER B 390 30.02 6.30 -21.78
C SER B 390 30.31 7.75 -21.40
N ILE B 391 29.30 8.46 -20.89
CA ILE B 391 29.48 9.84 -20.49
C ILE B 391 30.46 9.95 -19.32
N ASN B 392 30.29 9.07 -18.34
CA ASN B 392 31.17 9.08 -17.17
C ASN B 392 32.60 8.75 -17.58
N GLU B 393 32.76 7.70 -18.38
CA GLU B 393 34.07 7.27 -18.83
C GLU B 393 34.68 8.19 -19.88
N ARG B 394 34.15 9.41 -20.00
CA ARG B 394 34.67 10.38 -20.96
C ARG B 394 34.81 11.75 -20.31
N PHE B 395 33.79 12.16 -19.55
CA PHE B 395 33.82 13.45 -18.89
C PHE B 395 34.33 13.36 -17.45
N GLY B 396 34.44 12.13 -16.93
CA GLY B 396 34.90 11.94 -15.58
C GLY B 396 34.14 12.81 -14.59
N GLU B 397 34.86 13.54 -13.73
CA GLU B 397 34.23 14.42 -12.75
C GLU B 397 33.08 13.70 -12.03
N LEU B 398 33.36 12.51 -11.51
CA LEU B 398 32.35 11.72 -10.82
C LEU B 398 31.98 12.26 -9.45
N VAL B 399 30.71 12.08 -9.10
CA VAL B 399 30.18 12.52 -7.82
C VAL B 399 29.40 11.37 -7.21
N GLU B 400 29.10 11.46 -5.92
CA GLU B 400 28.36 10.42 -5.24
C GLU B 400 26.86 10.60 -5.47
N HIS B 401 26.16 9.49 -5.64
CA HIS B 401 24.72 9.54 -5.85
C HIS B 401 24.09 8.40 -5.06
N PRO B 402 23.07 8.71 -4.26
CA PRO B 402 22.37 7.71 -3.43
C PRO B 402 21.86 6.50 -4.22
N ILE B 403 21.29 6.77 -5.38
CA ILE B 403 20.73 5.70 -6.22
C ILE B 403 21.69 5.13 -7.25
N PHE B 404 22.34 5.99 -8.02
CA PHE B 404 23.25 5.52 -9.05
C PHE B 404 24.69 5.33 -8.58
N GLY B 405 24.96 5.71 -7.32
CA GLY B 405 26.29 5.55 -6.77
C GLY B 405 27.26 6.67 -7.13
N ARG B 406 27.62 6.74 -8.41
CA ARG B 406 28.53 7.75 -8.89
C ARG B 406 28.22 8.09 -10.35
N VAL B 407 28.08 9.38 -10.61
CA VAL B 407 27.79 9.86 -11.96
C VAL B 407 28.56 11.14 -12.21
N SER B 408 28.83 11.43 -13.48
CA SER B 408 29.55 12.63 -13.84
C SER B 408 28.75 13.86 -13.40
N ARG B 409 29.45 14.83 -12.81
CA ARG B 409 28.80 16.05 -12.36
C ARG B 409 28.11 16.75 -13.52
N TYR B 410 28.52 16.40 -14.73
CA TYR B 410 27.96 16.99 -15.94
C TYR B 410 26.56 16.49 -16.24
N LEU B 411 26.16 15.42 -15.55
CA LEU B 411 24.81 14.86 -15.72
C LEU B 411 24.03 15.11 -14.44
N SER B 412 24.71 15.66 -13.43
CA SER B 412 24.08 15.93 -12.14
C SER B 412 22.85 16.83 -12.21
N LEU B 413 22.74 17.64 -13.26
CA LEU B 413 21.60 18.53 -13.40
C LEU B 413 20.46 17.92 -14.21
N THR B 414 20.66 16.69 -14.67
CA THR B 414 19.65 16.06 -15.51
C THR B 414 18.89 14.89 -14.92
N TYR B 415 17.63 14.78 -15.33
CA TYR B 415 16.75 13.70 -14.90
C TYR B 415 17.38 12.36 -15.34
N PRO B 416 17.29 11.31 -14.50
CA PRO B 416 16.65 11.27 -13.19
C PRO B 416 17.65 11.48 -12.06
N PHE B 417 18.80 12.06 -12.40
CA PHE B 417 19.84 12.29 -11.40
C PHE B 417 19.50 13.42 -10.44
N ALA B 418 19.23 14.61 -10.99
CA ALA B 418 18.91 15.77 -10.18
C ALA B 418 17.81 15.52 -9.14
N GLN B 419 16.56 15.48 -9.59
CA GLN B 419 15.40 15.28 -8.72
C GLN B 419 15.46 14.03 -7.84
N SER B 420 16.38 13.12 -8.13
CA SER B 420 16.51 11.88 -7.37
C SER B 420 16.54 12.10 -5.86
N GLU B 421 15.92 11.18 -5.12
CA GLU B 421 15.87 11.28 -3.66
C GLU B 421 15.73 9.92 -2.96
N ALA B 422 16.57 9.69 -1.96
CA ALA B 422 16.55 8.45 -1.19
C ALA B 422 16.62 8.78 0.29
N GLU B 423 17.16 7.86 1.08
CA GLU B 423 17.29 8.08 2.52
C GLU B 423 18.19 9.31 2.72
N ASP B 424 19.13 9.48 1.79
CA ASP B 424 20.06 10.59 1.81
C ASP B 424 19.81 11.45 0.59
N ASP B 425 19.83 12.77 0.77
CA ASP B 425 19.62 13.70 -0.33
C ASP B 425 20.81 13.68 -1.29
N PHE B 426 20.63 14.26 -2.47
CA PHE B 426 21.70 14.31 -3.47
C PHE B 426 22.06 15.75 -3.81
N LYS B 427 23.29 16.15 -3.47
CA LYS B 427 23.77 17.50 -3.74
C LYS B 427 24.21 17.66 -5.19
N ILE B 428 23.52 18.54 -5.92
CA ILE B 428 23.81 18.81 -7.32
C ILE B 428 24.93 19.83 -7.50
N GLU B 429 25.84 19.56 -8.43
CA GLU B 429 26.96 20.45 -8.70
C GLU B 429 26.65 21.40 -9.85
N LYS B 430 26.61 22.70 -9.55
CA LYS B 430 26.33 23.71 -10.56
C LYS B 430 27.55 23.91 -11.47
N PRO B 431 27.30 24.26 -12.73
CA PRO B 431 28.38 24.48 -13.70
C PRO B 431 29.17 25.77 -13.42
N THR B 432 30.38 25.83 -13.95
CA THR B 432 31.23 27.00 -13.80
C THR B 432 31.12 27.74 -15.12
N LYS B 433 32.10 28.57 -15.44
CA LYS B 433 32.07 29.30 -16.69
C LYS B 433 32.72 28.45 -17.80
N GLU B 434 33.64 27.58 -17.40
CA GLU B 434 34.33 26.72 -18.34
C GLU B 434 33.67 25.35 -18.47
N ASP B 435 32.56 25.15 -17.79
CA ASP B 435 31.84 23.89 -17.85
C ASP B 435 30.47 24.03 -18.50
N ALA B 436 30.02 25.27 -18.66
CA ALA B 436 28.72 25.53 -19.26
C ALA B 436 28.48 24.65 -20.49
N ILE B 437 29.40 24.72 -21.46
CA ILE B 437 29.30 23.94 -22.68
C ILE B 437 29.57 22.46 -22.38
N LYS B 438 30.42 22.22 -21.38
CA LYS B 438 30.79 20.87 -20.96
C LYS B 438 29.56 20.06 -20.53
N TYR B 439 28.61 20.73 -19.90
CA TYR B 439 27.39 20.07 -19.44
C TYR B 439 26.49 19.75 -20.63
N VAL B 440 26.32 20.74 -21.51
CA VAL B 440 25.49 20.56 -22.68
C VAL B 440 25.94 19.35 -23.50
N MET B 441 27.24 19.17 -23.63
CA MET B 441 27.77 18.04 -24.40
C MET B 441 27.51 16.67 -23.76
N ALA B 442 27.53 16.60 -22.43
CA ALA B 442 27.29 15.35 -21.72
C ALA B 442 25.82 15.00 -21.86
N ILE B 443 24.97 16.02 -21.75
CA ILE B 443 23.54 15.87 -21.85
C ILE B 443 23.12 15.39 -23.24
N ALA B 444 23.69 16.01 -24.27
CA ALA B 444 23.38 15.65 -25.65
C ALA B 444 23.81 14.23 -25.96
N GLU B 445 25.00 13.86 -25.49
CA GLU B 445 25.51 12.51 -25.72
C GLU B 445 24.60 11.56 -24.94
N TYR B 446 23.99 12.10 -23.89
CA TYR B 446 23.10 11.33 -23.04
C TYR B 446 21.69 11.29 -23.58
N GLN B 447 21.21 12.43 -24.04
CA GLN B 447 19.85 12.55 -24.56
C GLN B 447 19.71 12.01 -25.99
N PHE B 448 20.56 12.47 -26.88
CA PHE B 448 20.51 12.08 -28.28
C PHE B 448 21.40 10.91 -28.69
N GLY B 449 22.19 10.39 -27.75
CA GLY B 449 23.04 9.27 -28.08
C GLY B 449 24.40 9.61 -28.66
N GLU B 450 25.26 8.59 -28.70
CA GLU B 450 26.62 8.70 -29.20
C GLU B 450 26.85 9.62 -30.40
N GLY B 451 27.84 10.52 -30.26
CA GLY B 451 28.18 11.43 -31.32
C GLY B 451 27.41 12.74 -31.32
N ALA B 452 26.27 12.75 -30.65
CA ALA B 452 25.41 13.92 -30.60
C ALA B 452 26.13 15.19 -30.15
N SER B 453 27.18 15.04 -29.36
CA SER B 453 27.93 16.20 -28.86
C SER B 453 28.57 17.00 -29.99
N ARG B 454 28.94 16.33 -31.07
CA ARG B 454 29.56 17.00 -32.21
C ARG B 454 28.65 18.10 -32.76
N ALA B 455 27.38 18.08 -32.37
CA ALA B 455 26.43 19.08 -32.82
C ALA B 455 26.48 20.29 -31.89
N PHE B 456 27.21 20.16 -30.79
CA PHE B 456 27.37 21.25 -29.82
C PHE B 456 28.82 21.32 -29.31
N ASP B 457 29.73 21.77 -30.18
CA ASP B 457 31.13 21.90 -29.79
C ASP B 457 31.48 23.38 -29.64
N ASP B 458 31.38 24.09 -30.77
CA ASP B 458 31.67 25.51 -30.84
C ASP B 458 30.49 26.34 -30.34
N ALA B 459 29.69 25.77 -29.47
CA ALA B 459 28.52 26.47 -28.95
C ALA B 459 28.81 27.19 -27.63
N LYS B 460 27.95 28.15 -27.31
CA LYS B 460 28.06 28.93 -26.08
C LYS B 460 26.83 28.64 -25.24
N VAL B 461 27.02 28.52 -23.93
CA VAL B 461 25.91 28.26 -23.02
C VAL B 461 25.82 29.37 -21.99
N GLU B 462 24.66 30.03 -21.94
CA GLU B 462 24.46 31.11 -20.99
C GLU B 462 23.79 30.62 -19.71
N LEU B 463 24.30 31.10 -18.58
CA LEU B 463 23.78 30.72 -17.27
C LEU B 463 22.73 31.73 -16.81
N SER B 464 21.59 31.20 -16.36
CA SER B 464 20.47 32.03 -15.89
C SER B 464 20.88 32.93 -14.72
N LYS B 465 19.91 33.64 -14.16
CA LYS B 465 20.17 34.52 -13.02
C LYS B 465 21.08 33.80 -12.05
N THR B 466 20.79 32.53 -11.83
CA THR B 466 21.58 31.68 -10.95
C THR B 466 22.80 31.21 -11.74
N GLY B 467 23.12 29.93 -11.66
CA GLY B 467 24.26 29.40 -12.39
C GLY B 467 23.88 28.20 -13.22
N MET B 468 22.64 28.19 -13.70
CA MET B 468 22.14 27.08 -14.51
C MET B 468 22.22 27.30 -16.01
N PRO B 469 22.75 26.31 -16.74
CA PRO B 469 22.89 26.39 -18.21
C PRO B 469 21.52 26.49 -18.84
N ARG B 470 21.38 27.35 -19.85
CA ARG B 470 20.09 27.53 -20.50
C ARG B 470 20.15 27.48 -22.02
N GLN B 471 19.85 28.62 -22.64
CA GLN B 471 19.84 28.72 -24.08
C GLN B 471 21.24 28.60 -24.67
N VAL B 472 21.40 27.65 -25.60
CA VAL B 472 22.68 27.42 -26.26
C VAL B 472 22.66 28.09 -27.63
N LYS B 473 23.76 28.74 -27.99
CA LYS B 473 23.83 29.42 -29.28
C LYS B 473 25.18 29.31 -29.97
N VAL B 474 25.20 29.68 -31.24
CA VAL B 474 26.40 29.67 -32.06
C VAL B 474 26.29 30.83 -33.03
N ASN B 475 27.18 31.81 -32.89
CA ASN B 475 27.18 32.97 -33.76
C ASN B 475 25.80 33.63 -33.79
N GLY B 476 25.12 33.62 -32.64
CA GLY B 476 23.81 34.24 -32.56
C GLY B 476 22.63 33.39 -33.00
N LYS B 477 22.84 32.08 -33.11
CA LYS B 477 21.75 31.20 -33.51
C LYS B 477 21.46 30.20 -32.39
N ARG B 478 20.18 30.06 -32.07
CA ARG B 478 19.73 29.17 -31.00
C ARG B 478 19.74 27.69 -31.38
N LEU B 479 20.70 26.94 -30.83
CA LEU B 479 20.80 25.51 -31.11
C LEU B 479 19.81 24.74 -30.25
N ALA B 480 19.85 25.00 -28.94
CA ALA B 480 18.98 24.33 -28.00
C ALA B 480 18.87 25.13 -26.70
N THR B 481 18.09 24.62 -25.76
CA THR B 481 17.89 25.27 -24.48
C THR B 481 17.65 24.23 -23.38
N VAL B 482 18.56 24.18 -22.41
CA VAL B 482 18.41 23.23 -21.31
C VAL B 482 17.19 23.63 -20.48
N ARG B 483 16.22 22.73 -20.35
CA ARG B 483 15.02 23.01 -19.59
C ARG B 483 15.35 23.14 -18.10
N ALA B 484 14.46 23.77 -17.36
CA ALA B 484 14.67 23.96 -15.94
C ALA B 484 14.05 22.84 -15.12
N ASP B 485 13.07 22.15 -15.70
CA ASP B 485 12.41 21.07 -14.95
C ASP B 485 13.01 19.67 -15.06
N ASP B 486 13.87 19.42 -16.05
CA ASP B 486 14.46 18.10 -16.18
C ASP B 486 15.92 18.09 -16.61
N GLY B 487 16.44 19.25 -16.98
CA GLY B 487 17.83 19.33 -17.41
C GLY B 487 18.10 18.70 -18.75
N LEU B 488 17.07 18.62 -19.59
CA LEU B 488 17.20 18.06 -20.92
C LEU B 488 17.12 19.19 -21.94
N LEU B 489 17.59 18.92 -23.15
CA LEU B 489 17.60 19.92 -24.22
C LEU B 489 16.32 20.00 -25.05
N THR B 490 15.81 21.22 -25.21
CA THR B 490 14.64 21.46 -26.04
C THR B 490 15.29 22.01 -27.30
N LEU B 491 15.29 21.21 -28.37
CA LEU B 491 15.94 21.60 -29.61
C LEU B 491 15.35 22.79 -30.36
N GLY B 492 16.25 23.57 -30.95
CA GLY B 492 15.85 24.70 -31.76
C GLY B 492 15.95 24.21 -33.20
N ILE B 493 15.11 24.73 -34.07
CA ILE B 493 15.11 24.32 -35.47
C ILE B 493 16.54 24.31 -36.03
N GLU B 494 17.41 25.13 -35.44
CA GLU B 494 18.79 25.21 -35.87
C GLU B 494 19.63 24.06 -35.29
N GLY B 495 19.34 23.70 -34.04
CA GLY B 495 20.07 22.61 -33.42
C GLY B 495 19.67 21.32 -34.09
N ALA B 496 18.41 21.25 -34.50
CA ALA B 496 17.88 20.07 -35.17
C ALA B 496 18.63 19.87 -36.49
N LYS B 497 18.85 20.97 -37.21
CA LYS B 497 19.56 20.88 -38.48
C LYS B 497 20.94 20.25 -38.32
N ARG B 498 21.69 20.68 -37.31
CA ARG B 498 23.03 20.12 -37.10
C ARG B 498 22.95 18.66 -36.64
N LEU B 499 21.95 18.36 -35.82
CA LEU B 499 21.77 17.01 -35.33
C LEU B 499 21.43 16.11 -36.52
N HIS B 500 20.59 16.63 -37.41
CA HIS B 500 20.18 15.89 -38.60
C HIS B 500 21.39 15.42 -39.42
N ARG B 501 22.37 16.31 -39.60
CA ARG B 501 23.56 15.97 -40.36
C ARG B 501 24.61 15.22 -39.55
N VAL B 502 24.64 15.46 -38.24
CA VAL B 502 25.60 14.79 -37.38
C VAL B 502 25.21 13.34 -37.13
N LEU B 503 23.92 13.10 -36.94
CA LEU B 503 23.45 11.75 -36.69
C LEU B 503 22.87 11.12 -37.95
N PRO B 504 23.29 9.87 -38.24
CA PRO B 504 22.85 9.11 -39.41
C PRO B 504 21.39 8.67 -39.36
N TYR B 505 20.72 8.74 -40.51
CA TYR B 505 19.33 8.31 -40.61
C TYR B 505 19.39 6.87 -40.08
N PRO B 506 18.35 6.40 -39.38
CA PRO B 506 17.09 7.06 -39.01
C PRO B 506 17.07 7.69 -37.60
N ARG B 507 18.23 7.86 -36.98
CA ARG B 507 18.30 8.43 -35.63
C ARG B 507 17.50 9.70 -35.42
N MET B 508 16.51 9.63 -34.52
CA MET B 508 15.64 10.75 -34.18
C MET B 508 14.61 11.13 -35.23
N ARG B 509 14.56 10.40 -36.34
CA ARG B 509 13.61 10.75 -37.40
C ARG B 509 12.21 10.17 -37.30
N VAL B 510 11.24 10.98 -37.72
CA VAL B 510 9.86 10.56 -37.80
C VAL B 510 9.55 10.91 -39.25
N VAL B 511 9.30 9.90 -40.06
CA VAL B 511 9.02 10.12 -41.48
C VAL B 511 7.53 10.23 -41.75
N VAL B 512 7.11 11.36 -42.29
CA VAL B 512 5.70 11.59 -42.58
C VAL B 512 5.33 11.50 -44.05
N ASN B 513 4.02 11.60 -44.30
CA ASN B 513 3.43 11.57 -45.63
C ASN B 513 3.84 12.73 -46.49
N LYS B 514 3.49 12.63 -47.77
CA LYS B 514 3.76 13.70 -48.71
C LYS B 514 2.59 14.65 -48.48
N GLU B 515 1.49 14.08 -47.98
CA GLU B 515 0.26 14.83 -47.69
C GLU B 515 0.40 15.59 -46.38
N ALA B 516 1.40 15.22 -45.59
CA ALA B 516 1.63 15.87 -44.29
C ALA B 516 2.88 16.74 -44.33
N GLU B 517 3.71 16.51 -45.34
CA GLU B 517 4.96 17.23 -45.51
C GLU B 517 4.76 18.76 -45.46
N PRO B 518 3.77 19.28 -46.21
CA PRO B 518 3.52 20.72 -46.21
C PRO B 518 3.19 21.26 -44.82
N PHE B 519 2.21 20.64 -44.17
CA PHE B 519 1.79 21.03 -42.84
C PHE B 519 2.95 21.04 -41.85
N ALA B 520 3.85 20.07 -42.01
CA ALA B 520 5.01 19.97 -41.13
C ALA B 520 5.89 21.20 -41.31
N ARG B 521 6.20 21.52 -42.55
CA ARG B 521 7.04 22.68 -42.85
C ARG B 521 6.57 23.96 -42.19
N LYS B 522 5.25 24.16 -42.14
CA LYS B 522 4.72 25.36 -41.51
C LYS B 522 4.91 25.29 -40.00
N GLY B 523 4.97 24.06 -39.48
CA GLY B 523 5.15 23.88 -38.05
C GLY B 523 3.93 23.32 -37.36
N LYS B 524 3.03 22.72 -38.12
CA LYS B 524 1.83 22.14 -37.53
C LYS B 524 2.17 20.76 -36.97
N ASP B 525 1.52 20.40 -35.86
CA ASP B 525 1.77 19.12 -35.23
C ASP B 525 1.59 17.93 -36.16
N VAL B 526 2.37 16.88 -35.92
CA VAL B 526 2.31 15.68 -36.74
C VAL B 526 1.40 14.63 -36.11
N PHE B 527 0.41 14.20 -36.88
CA PHE B 527 -0.54 13.19 -36.43
C PHE B 527 -0.07 11.81 -36.86
N ALA B 528 -0.27 10.84 -35.97
CA ALA B 528 0.15 9.47 -36.19
C ALA B 528 -0.16 8.87 -37.56
N LYS B 529 -1.40 9.02 -38.03
CA LYS B 529 -1.77 8.43 -39.32
C LYS B 529 -1.02 8.95 -40.54
N PHE B 530 -0.12 9.92 -40.34
CA PHE B 530 0.65 10.45 -41.47
C PHE B 530 2.10 10.05 -41.36
N VAL B 531 2.44 9.40 -40.24
CA VAL B 531 3.80 8.94 -40.00
C VAL B 531 3.92 7.55 -40.60
N ILE B 532 4.84 7.38 -41.54
CA ILE B 532 5.01 6.09 -42.19
C ILE B 532 6.14 5.27 -41.56
N PHE B 533 7.10 5.95 -40.96
CA PHE B 533 8.21 5.28 -40.30
C PHE B 533 8.82 6.19 -39.24
N ALA B 534 9.43 5.58 -38.23
CA ALA B 534 10.06 6.35 -37.17
C ALA B 534 11.12 5.51 -36.49
N ASP B 535 12.18 6.17 -36.09
CA ASP B 535 13.28 5.54 -35.39
C ASP B 535 12.73 4.75 -34.19
N PRO B 536 13.05 3.44 -34.10
CA PRO B 536 12.57 2.60 -32.99
C PRO B 536 13.14 3.08 -31.66
N GLY B 537 14.30 3.73 -31.72
CA GLY B 537 14.94 4.23 -30.53
C GLY B 537 14.21 5.38 -29.85
N ILE B 538 13.25 6.00 -30.55
CA ILE B 538 12.50 7.11 -29.98
C ILE B 538 11.62 6.66 -28.81
N ARG B 539 11.63 7.45 -27.74
CA ARG B 539 10.82 7.17 -26.56
C ARG B 539 9.89 8.35 -26.35
N PRO B 540 8.75 8.13 -25.66
CA PRO B 540 7.83 9.23 -25.45
C PRO B 540 8.51 10.47 -24.85
N TYR B 541 8.20 11.64 -25.40
CA TYR B 541 8.74 12.92 -24.95
C TYR B 541 10.17 13.24 -25.38
N ASP B 542 10.71 12.46 -26.31
CA ASP B 542 12.06 12.72 -26.84
C ASP B 542 11.96 13.90 -27.81
N GLU B 543 13.11 14.49 -28.14
CA GLU B 543 13.15 15.55 -29.12
C GLU B 543 13.28 14.77 -30.43
N VAL B 544 12.49 15.14 -31.45
CA VAL B 544 12.49 14.40 -32.72
C VAL B 544 12.68 15.27 -33.98
N LEU B 545 13.24 14.68 -35.02
CA LEU B 545 13.48 15.37 -36.29
C LEU B 545 12.44 14.94 -37.33
N VAL B 546 11.47 15.80 -37.60
CA VAL B 546 10.44 15.49 -38.59
C VAL B 546 11.07 15.56 -39.96
N VAL B 547 10.91 14.49 -40.74
CA VAL B 547 11.52 14.42 -42.04
C VAL B 547 10.64 13.70 -43.07
N ASN B 548 10.92 13.92 -44.36
CA ASN B 548 10.15 13.23 -45.41
C ASN B 548 10.95 12.00 -45.85
N GLU B 549 10.43 11.26 -46.83
CA GLU B 549 11.12 10.06 -47.30
C GLU B 549 12.54 10.24 -47.80
N ASN B 550 12.90 11.45 -48.20
CA ASN B 550 14.25 11.71 -48.68
C ASN B 550 15.17 12.18 -47.58
N ASP B 551 14.66 12.12 -46.34
CA ASP B 551 15.40 12.56 -45.16
C ASP B 551 15.69 14.05 -45.20
N GLU B 552 14.72 14.83 -45.68
CA GLU B 552 14.87 16.28 -45.71
C GLU B 552 14.16 16.81 -44.46
N LEU B 553 14.89 17.55 -43.65
CA LEU B 553 14.34 18.09 -42.42
C LEU B 553 13.13 18.97 -42.69
N LEU B 554 12.02 18.65 -42.05
CA LEU B 554 10.78 19.40 -42.23
C LEU B 554 10.48 20.23 -41.00
N ALA B 555 10.97 19.79 -39.85
CA ALA B 555 10.74 20.50 -38.59
C ALA B 555 11.34 19.74 -37.43
N THR B 556 11.13 20.27 -36.22
CA THR B 556 11.62 19.66 -35.00
C THR B 556 10.45 19.66 -34.02
N GLY B 557 10.49 18.77 -33.04
CA GLY B 557 9.41 18.72 -32.08
C GLY B 557 9.66 17.69 -31.00
N GLN B 558 8.62 17.39 -30.23
CA GLN B 558 8.69 16.42 -29.15
C GLN B 558 7.68 15.32 -29.39
N ALA B 559 8.12 14.08 -29.23
CA ALA B 559 7.26 12.92 -29.43
C ALA B 559 6.30 12.68 -28.26
N LEU B 560 5.13 12.14 -28.57
CA LEU B 560 4.14 11.83 -27.54
C LEU B 560 4.09 10.32 -27.41
N LEU B 561 4.63 9.66 -28.43
CA LEU B 561 4.64 8.20 -28.50
C LEU B 561 6.05 7.71 -28.80
N SER B 562 6.26 6.41 -28.65
CA SER B 562 7.55 5.82 -28.97
C SER B 562 7.52 5.65 -30.49
N GLY B 563 8.70 5.51 -31.10
CA GLY B 563 8.75 5.36 -32.54
C GLY B 563 7.86 4.26 -33.08
N ARG B 564 7.93 3.09 -32.45
CA ARG B 564 7.11 1.96 -32.85
C ARG B 564 5.64 2.31 -32.84
N GLU B 565 5.20 2.95 -31.77
CA GLU B 565 3.80 3.33 -31.64
C GLU B 565 3.35 4.32 -32.70
N MET B 566 4.20 5.29 -33.01
CA MET B 566 3.88 6.31 -34.02
C MET B 566 3.47 5.67 -35.35
N ILE B 567 4.11 4.56 -35.68
CA ILE B 567 3.84 3.87 -36.92
C ILE B 567 2.47 3.20 -36.94
N VAL B 568 2.17 2.37 -35.94
CA VAL B 568 0.90 1.65 -35.90
C VAL B 568 -0.34 2.46 -35.55
N PHE B 569 -0.18 3.52 -34.76
CA PHE B 569 -1.34 4.31 -34.38
C PHE B 569 -1.90 5.09 -35.57
N GLN B 570 -3.22 5.14 -35.64
CA GLN B 570 -3.89 5.87 -36.72
C GLN B 570 -4.74 7.00 -36.13
N TYR B 571 -4.61 7.21 -34.82
CA TYR B 571 -5.35 8.27 -34.13
C TYR B 571 -4.43 9.02 -33.18
N GLY B 572 -4.69 10.31 -33.01
CA GLY B 572 -3.91 11.13 -32.09
C GLY B 572 -2.63 11.73 -32.65
N ARG B 573 -2.04 12.65 -31.89
CA ARG B 573 -0.80 13.29 -32.28
C ARG B 573 0.39 12.40 -31.99
N ALA B 574 1.39 12.45 -32.86
CA ALA B 574 2.60 11.66 -32.70
C ALA B 574 3.72 12.60 -32.28
N VAL B 575 3.74 13.79 -32.88
CA VAL B 575 4.77 14.78 -32.56
C VAL B 575 4.17 16.15 -32.26
N LYS B 576 4.69 16.79 -31.21
CA LYS B 576 4.25 18.12 -30.85
C LYS B 576 5.31 19.01 -31.46
N VAL B 577 5.02 19.51 -32.65
CA VAL B 577 5.94 20.36 -33.39
C VAL B 577 6.29 21.66 -32.68
N ARG B 578 7.58 21.88 -32.46
CA ARG B 578 8.07 23.09 -31.82
C ARG B 578 8.19 24.16 -32.89
N LYS B 579 8.74 23.78 -34.04
CA LYS B 579 8.91 24.73 -35.13
C LYS B 579 9.20 24.03 -36.46
N GLY B 580 8.66 24.59 -37.54
CA GLY B 580 8.88 24.03 -38.86
C GLY B 580 10.06 24.68 -39.55
N VAL B 581 10.53 24.09 -40.64
CA VAL B 581 11.66 24.64 -41.39
C VAL B 581 11.20 25.84 -42.20
N GLU B 582 9.89 25.94 -42.41
CA GLU B 582 9.31 27.05 -43.16
C GLU B 582 8.53 27.95 -42.20
ZN ZN C . -12.34 11.21 0.43
MG MG D . 0.81 -6.67 38.19
ZN ZN E . -16.49 -0.26 1.76
MG MG F . 0.95 5.88 -38.04
#